data_5F9O
#
_entry.id   5F9O
#
_cell.length_a   63.530
_cell.length_b   67.803
_cell.length_c   225.617
_cell.angle_alpha   90.00
_cell.angle_beta   90.00
_cell.angle_gamma   90.00
#
_symmetry.space_group_name_H-M   'P 21 21 21'
#
loop_
_entity.id
_entity.type
_entity.pdbx_description
1 polymer 'clade A/E 93TH057 HIV-1 gp120 core'
2 polymer 'CH235.9 Heavy chain'
3 polymer 'CH235.09 Light chain'
4 non-polymer 2-acetamido-2-deoxy-beta-D-glucopyranose
5 non-polymer '4-(2-HYDROXYETHYL)-1-PIPERAZINE ETHANESULFONIC ACID'
6 non-polymer 'POLYETHYLENE GLYCOL (N=34)'
7 water water
#
loop_
_entity_poly.entity_id
_entity_poly.type
_entity_poly.pdbx_seq_one_letter_code
_entity_poly.pdbx_strand_id
1 'polypeptide(L)'
;VWKDADTTLFCASDAKAHETEVHNVWATHACVPTDPNPQEIHLENVTENFNMWKNNMVEQMQEDVISLWDQSLQPCVKLT
GGSVIKQACPKISFDPIPIHYCTPAGYVILKCNDKNFNGTGPCKNVSSVQCTHGIKPVVSTQLLLNGSLAEEEIIIRSEN
LTNNAKTIIVHLNKSVEINCTRPSNGGSGSGGDIRKAYCEINGTKWNKVLKQVTEKLKEHFNNKTIIFQPPSGGDLEITM
HHFNCRGEFFYCNTTQLFNNTCIGNETMKGCNGTITLPCKIKQIINMWQGTGQAMYAPPIDGKINCVSNITGILLTRDGG
ANNTSNETFRPGGGNIKDNWRSELYKYKVVQI
;
G
2 'polypeptide(L)'
;QVRLLQYGGGVKRPGASMTISCVASGYNFNDYYIHWVRQAPGQGLELMGWIDPSGGRTDYAGAFGDRVSMYRDKSMNTLY
MDLRSLRSGDTAMYYCVRNVGTAGSLLHYDHWGLGVMVTVSSTKTKGPSVFPLAPSSKSTSGGTAALGCLVKDYFPEPVT
VSWNSGALTSGVHTFPAVLQSSGLYSLSSVVTVPSSSLGTQTYICNVNHKPSNTKVDKRVEPKSCDKGLEVLFQ
;
H
3 'polypeptide(L)'
;EIVLTQSPATLSVSPGERVTLSCRASQSVRNNLAWYRQKRGQAPRLLIYGASTRATGIPARFSGSGSGTEFTLTISSMQS
EDFAVYYCQQYNNWWTFGQGTKVEIKRTVAAPSVFIFPPSDEQLKSGTASVVCLLNNFYPREAKVQWKVDNALQSGNSQE
SVTEQDSKDSTYSLSSTLTLSKADYEKHKVYACEVTHQGLSSPVTKSFNRGEC
;
L
#
# COMPACT_ATOMS: atom_id res chain seq x y z
N VAL A 1 -19.22 31.21 -25.87
CA VAL A 1 -18.78 32.24 -24.94
C VAL A 1 -17.38 31.94 -24.40
N TRP A 2 -17.30 30.92 -23.54
CA TRP A 2 -16.02 30.54 -22.94
C TRP A 2 -15.89 29.03 -22.75
N LYS A 3 -14.66 28.60 -22.47
CA LYS A 3 -14.34 27.20 -22.19
C LYS A 3 -13.30 27.13 -21.07
N ASP A 4 -13.25 26.00 -20.37
CA ASP A 4 -12.22 25.77 -19.37
C ASP A 4 -10.84 25.83 -20.03
N ALA A 5 -9.90 26.46 -19.36
CA ALA A 5 -8.56 26.60 -19.91
C ALA A 5 -7.53 26.88 -18.81
N ASP A 6 -6.28 26.61 -19.13
CA ASP A 6 -5.16 26.98 -18.28
C ASP A 6 -4.26 27.96 -19.04
N THR A 7 -3.76 28.96 -18.33
CA THR A 7 -2.81 29.88 -18.90
C THR A 7 -1.93 30.43 -17.80
N THR A 8 -0.80 31.02 -18.19
CA THR A 8 0.09 31.66 -17.23
C THR A 8 -0.55 32.95 -16.72
N LEU A 9 -0.87 32.99 -15.44
CA LEU A 9 -1.35 34.19 -14.77
C LEU A 9 -0.22 35.20 -14.57
N PHE A 10 -0.56 36.36 -14.01
CA PHE A 10 0.45 37.27 -13.44
C PHE A 10 -0.04 37.73 -12.08
N CYS A 11 0.84 38.30 -11.28
CA CYS A 11 0.48 38.67 -9.91
C CYS A 11 0.49 40.18 -9.72
N ALA A 12 -0.33 40.63 -8.79
CA ALA A 12 -0.41 42.03 -8.43
C ALA A 12 -0.39 42.14 -6.91
N SER A 13 0.17 43.23 -6.39
CA SER A 13 0.19 43.44 -4.95
C SER A 13 0.44 44.90 -4.63
N ASP A 14 0.36 45.22 -3.34
CA ASP A 14 0.58 46.57 -2.86
C ASP A 14 1.95 46.70 -2.20
N ALA A 15 2.90 45.87 -2.63
CA ALA A 15 4.23 45.86 -2.04
C ALA A 15 4.91 47.22 -2.17
N LYS A 16 5.77 47.53 -1.21
CA LYS A 16 6.44 48.82 -1.12
C LYS A 16 7.95 48.67 -1.32
N ALA A 17 8.51 49.48 -2.22
CA ALA A 17 9.92 49.37 -2.60
C ALA A 17 10.89 49.67 -1.46
N HIS A 18 10.46 50.47 -0.49
CA HIS A 18 11.35 50.90 0.59
C HIS A 18 11.56 49.80 1.64
N GLU A 19 10.75 48.74 1.56
CA GLU A 19 10.71 47.71 2.59
C GLU A 19 11.72 46.59 2.35
N THR A 20 12.42 46.19 3.40
CA THR A 20 13.41 45.10 3.32
C THR A 20 12.75 43.75 3.49
N GLU A 21 11.55 43.75 4.05
CA GLU A 21 10.73 42.55 4.20
C GLU A 21 10.66 41.77 2.89
N VAL A 22 10.87 40.46 2.96
CA VAL A 22 11.18 39.68 1.77
C VAL A 22 10.00 39.46 0.82
N HIS A 23 8.77 39.36 1.33
CA HIS A 23 7.62 39.24 0.46
C HIS A 23 7.45 40.52 -0.35
N ASN A 24 7.71 41.66 0.29
CA ASN A 24 7.64 42.95 -0.39
C ASN A 24 8.68 43.03 -1.50
N VAL A 25 9.91 42.61 -1.19
CA VAL A 25 10.98 42.64 -2.18
C VAL A 25 10.66 41.73 -3.34
N TRP A 26 10.23 40.51 -3.04
CA TRP A 26 9.87 39.57 -4.09
C TRP A 26 8.76 40.14 -4.98
N ALA A 27 7.72 40.67 -4.35
CA ALA A 27 6.55 41.14 -5.07
C ALA A 27 6.90 42.37 -5.90
N THR A 28 7.77 43.21 -5.35
CA THR A 28 8.23 44.41 -6.03
C THR A 28 8.90 44.04 -7.35
N HIS A 29 9.56 42.89 -7.37
CA HIS A 29 10.33 42.48 -8.54
C HIS A 29 9.56 41.48 -9.39
N ALA A 30 8.43 40.99 -8.88
CA ALA A 30 7.73 39.90 -9.55
C ALA A 30 6.29 40.21 -9.91
N CYS A 31 5.76 41.30 -9.37
CA CYS A 31 4.35 41.62 -9.53
C CYS A 31 4.17 43.07 -9.96
N VAL A 32 2.99 43.39 -10.46
CA VAL A 32 2.64 44.77 -10.77
C VAL A 32 1.73 45.30 -9.67
N PRO A 33 1.42 46.61 -9.70
CA PRO A 33 0.53 47.12 -8.66
C PRO A 33 -0.90 46.63 -8.84
N THR A 34 -1.66 46.60 -7.75
CA THR A 34 -3.06 46.14 -7.82
C THR A 34 -3.89 47.15 -8.57
N ASP A 35 -5.03 46.71 -9.08
CA ASP A 35 -5.99 47.59 -9.72
C ASP A 35 -6.72 48.40 -8.64
N PRO A 36 -6.68 49.74 -8.71
CA PRO A 36 -7.37 50.56 -7.71
C PRO A 36 -8.90 50.39 -7.71
N ASN A 37 -9.49 50.22 -8.88
CA ASN A 37 -10.94 50.01 -9.00
C ASN A 37 -11.23 48.74 -9.78
N PRO A 38 -11.10 47.58 -9.12
CA PRO A 38 -11.34 46.29 -9.77
C PRO A 38 -12.80 46.11 -10.20
N GLN A 39 -13.03 45.31 -11.24
CA GLN A 39 -14.35 45.14 -11.82
C GLN A 39 -14.84 43.70 -11.63
N GLU A 40 -16.08 43.56 -11.17
CA GLU A 40 -16.73 42.26 -11.06
C GLU A 40 -18.05 42.30 -11.81
N ILE A 41 -18.23 41.33 -12.70
CA ILE A 41 -19.44 41.26 -13.53
C ILE A 41 -20.24 40.01 -13.20
N HIS A 42 -21.45 40.20 -12.71
CA HIS A 42 -22.33 39.07 -12.43
C HIS A 42 -22.81 38.45 -13.73
N LEU A 43 -22.76 37.13 -13.79
CA LEU A 43 -23.21 36.40 -14.97
C LEU A 43 -24.63 35.91 -14.76
N GLU A 44 -25.58 36.72 -15.18
CA GLU A 44 -26.99 36.48 -14.97
C GLU A 44 -27.41 35.11 -15.43
N ASN A 45 -27.95 34.33 -14.52
CA ASN A 45 -28.51 33.03 -14.82
C ASN A 45 -27.54 31.95 -15.24
N VAL A 46 -26.25 32.14 -14.98
CA VAL A 46 -25.28 31.11 -15.35
C VAL A 46 -25.03 30.12 -14.22
N THR A 47 -25.06 28.83 -14.55
CA THR A 47 -24.58 27.79 -13.66
C THR A 47 -23.26 27.27 -14.20
N GLU A 48 -22.23 27.27 -13.35
CA GLU A 48 -20.89 26.83 -13.76
C GLU A 48 -20.39 25.78 -12.79
N ASN A 49 -19.65 24.80 -13.30
CA ASN A 49 -19.05 23.79 -12.45
C ASN A 49 -17.63 24.19 -12.07
N PHE A 50 -17.29 23.94 -10.81
CA PHE A 50 -15.96 24.20 -10.28
C PHE A 50 -15.38 22.89 -9.75
N ASN A 51 -14.06 22.83 -9.68
CA ASN A 51 -13.39 21.70 -9.05
C ASN A 51 -12.07 22.16 -8.45
N MET A 52 -12.11 22.46 -7.16
CA MET A 52 -10.95 22.99 -6.45
C MET A 52 -9.78 22.03 -6.40
N TRP A 53 -10.06 20.75 -6.63
CA TRP A 53 -9.03 19.70 -6.57
C TRP A 53 -8.38 19.47 -7.93
N LYS A 54 -8.87 20.18 -8.93
CA LYS A 54 -8.30 20.17 -10.27
C LYS A 54 -8.20 21.61 -10.78
N ASN A 55 -7.33 22.39 -10.15
CA ASN A 55 -7.24 23.83 -10.39
C ASN A 55 -5.80 24.27 -10.57
N ASN A 56 -5.40 24.53 -11.81
CA ASN A 56 -4.03 24.85 -12.13
C ASN A 56 -3.54 26.14 -11.46
N MET A 57 -4.46 26.94 -10.92
CA MET A 57 -4.08 28.14 -10.18
C MET A 57 -3.30 27.74 -8.94
N VAL A 58 -3.60 26.55 -8.42
CA VAL A 58 -2.93 26.05 -7.23
C VAL A 58 -1.47 25.71 -7.52
N GLU A 59 -1.22 24.99 -8.61
CA GLU A 59 0.14 24.71 -9.05
C GLU A 59 0.91 26.01 -9.27
N GLN A 60 0.27 26.98 -9.89
CA GLN A 60 0.89 28.24 -10.16
C GLN A 60 1.24 29.00 -8.89
N MET A 61 0.34 28.97 -7.93
CA MET A 61 0.64 29.65 -6.66
C MET A 61 1.81 28.96 -5.97
N GLN A 62 1.85 27.64 -6.04
CA GLN A 62 2.94 26.88 -5.42
C GLN A 62 4.28 27.27 -6.04
N GLU A 63 4.31 27.43 -7.37
CA GLU A 63 5.55 27.79 -8.06
C GLU A 63 6.04 29.14 -7.56
N ASP A 64 5.11 30.03 -7.32
CA ASP A 64 5.42 31.35 -6.83
C ASP A 64 6.04 31.37 -5.44
N VAL A 65 5.50 30.62 -4.49
CA VAL A 65 5.93 30.68 -3.13
C VAL A 65 7.26 29.94 -3.00
N ILE A 66 7.45 28.92 -3.81
CA ILE A 66 8.74 28.24 -3.88
C ILE A 66 9.80 29.24 -4.35
N SER A 67 9.53 29.90 -5.46
CA SER A 67 10.44 30.92 -5.98
C SER A 67 10.68 31.99 -4.91
N LEU A 68 9.62 32.37 -4.20
CA LEU A 68 9.73 33.41 -3.18
C LEU A 68 10.67 32.98 -2.06
N TRP A 69 10.46 31.78 -1.54
CA TRP A 69 11.25 31.29 -0.41
C TRP A 69 12.69 31.03 -0.85
N ASP A 70 12.86 30.51 -2.07
CA ASP A 70 14.19 30.20 -2.57
C ASP A 70 15.03 31.46 -2.79
N GLN A 71 14.38 32.59 -3.04
CA GLN A 71 15.08 33.87 -3.17
C GLN A 71 15.25 34.57 -1.82
N SER A 72 14.40 34.23 -0.85
CA SER A 72 14.25 35.04 0.37
C SER A 72 14.98 34.49 1.59
N LEU A 73 14.81 33.21 1.87
CA LEU A 73 15.47 32.60 3.02
C LEU A 73 16.95 32.37 2.76
N GLN A 74 17.74 32.57 3.81
CA GLN A 74 19.19 32.35 3.74
C GLN A 74 19.64 31.37 4.83
N PRO A 75 19.46 30.09 4.60
CA PRO A 75 19.92 29.07 5.54
C PRO A 75 21.44 29.02 5.54
N CYS A 76 22.03 28.64 6.66
CA CYS A 76 23.47 28.50 6.77
C CYS A 76 23.94 27.31 5.96
N VAL A 77 23.22 26.22 6.09
CA VAL A 77 23.48 25.01 5.35
C VAL A 77 22.23 24.46 4.71
N LYS A 78 22.39 23.94 3.50
CA LYS A 78 21.32 23.28 2.77
C LYS A 78 21.74 21.86 2.41
N LEU A 79 20.91 20.89 2.80
CA LEU A 79 21.18 19.49 2.52
C LEU A 79 20.19 18.99 1.48
N THR A 80 20.63 18.96 0.23
CA THR A 80 19.76 18.74 -0.91
C THR A 80 20.46 17.83 -1.86
N GLY A 81 19.73 16.97 -2.52
CA GLY A 81 20.09 15.59 -2.59
C GLY A 81 21.49 15.37 -3.10
N GLY A 82 22.24 14.72 -2.23
CA GLY A 82 23.62 14.39 -2.46
C GLY A 82 24.58 15.51 -2.17
N SER A 83 24.08 16.69 -1.82
CA SER A 83 24.97 17.82 -1.64
C SER A 83 24.85 18.51 -0.29
N VAL A 84 25.82 19.20 0.05
CA VAL A 84 25.84 20.10 1.20
C VAL A 84 26.26 21.48 0.71
N ILE A 85 25.36 22.45 0.86
CA ILE A 85 25.60 23.81 0.37
C ILE A 85 25.62 24.79 1.54
N LYS A 86 26.74 25.49 1.69
CA LYS A 86 26.94 26.43 2.79
C LYS A 86 26.99 27.86 2.29
N GLN A 87 26.38 28.77 3.06
CA GLN A 87 26.20 30.16 2.65
C GLN A 87 26.08 31.06 3.88
N ALA A 88 26.12 32.36 3.68
CA ALA A 88 25.89 33.27 4.77
C ALA A 88 24.44 33.23 5.18
N CYS A 89 24.17 33.34 6.46
CA CYS A 89 22.82 33.30 6.94
C CYS A 89 22.51 34.45 7.85
N PRO A 90 22.35 35.62 7.29
CA PRO A 90 21.89 36.77 8.07
C PRO A 90 20.40 36.67 8.36
N LYS A 91 19.98 37.23 9.48
CA LYS A 91 18.56 37.26 9.83
C LYS A 91 17.82 38.16 8.85
N ILE A 92 16.57 37.81 8.56
CA ILE A 92 15.77 38.52 7.58
C ILE A 92 14.49 39.09 8.20
N SER A 93 13.87 40.02 7.49
CA SER A 93 12.57 40.54 7.87
C SER A 93 11.49 39.76 7.12
N PHE A 94 10.54 39.20 7.87
CA PHE A 94 9.59 38.23 7.31
C PHE A 94 8.17 38.47 7.81
N ASP A 95 7.27 38.79 6.89
CA ASP A 95 5.85 38.95 7.21
C ASP A 95 5.02 38.92 5.92
N PRO A 96 4.29 37.82 5.67
CA PRO A 96 3.57 37.66 4.39
C PRO A 96 2.60 38.80 4.05
N ILE A 97 2.54 39.16 2.77
CA ILE A 97 1.59 40.16 2.29
C ILE A 97 0.65 39.55 1.24
N PRO A 98 -0.55 40.14 1.06
CA PRO A 98 -1.48 39.58 0.07
C PRO A 98 -1.00 39.70 -1.37
N ILE A 99 -1.18 38.63 -2.13
CA ILE A 99 -0.87 38.59 -3.55
C ILE A 99 -2.16 38.30 -4.31
N HIS A 100 -2.45 39.10 -5.33
CA HIS A 100 -3.59 38.84 -6.20
C HIS A 100 -3.11 38.10 -7.44
N TYR A 101 -3.94 37.17 -7.94
CA TYR A 101 -3.63 36.46 -9.16
C TYR A 101 -4.57 36.90 -10.28
N CYS A 102 -3.98 37.21 -11.43
CA CYS A 102 -4.67 37.88 -12.52
C CYS A 102 -4.45 37.19 -13.85
N THR A 103 -5.46 37.23 -14.70
CA THR A 103 -5.43 36.59 -16.01
C THR A 103 -4.96 37.54 -17.12
N PRO A 104 -4.26 37.01 -18.13
CA PRO A 104 -3.84 37.82 -19.27
C PRO A 104 -4.99 38.04 -20.27
N ALA A 105 -4.73 38.82 -21.32
CA ALA A 105 -5.75 39.08 -22.34
C ALA A 105 -6.27 37.77 -22.92
N GLY A 106 -7.58 37.71 -23.16
CA GLY A 106 -8.21 36.56 -23.75
C GLY A 106 -8.70 35.55 -22.73
N TYR A 107 -8.52 35.86 -21.45
CA TYR A 107 -8.97 34.99 -20.36
C TYR A 107 -9.63 35.82 -19.26
N VAL A 108 -10.43 35.14 -18.46
CA VAL A 108 -11.05 35.76 -17.29
C VAL A 108 -11.13 34.73 -16.16
N ILE A 109 -11.29 35.22 -14.94
CA ILE A 109 -11.45 34.36 -13.77
C ILE A 109 -12.91 34.31 -13.36
N LEU A 110 -13.50 33.12 -13.36
CA LEU A 110 -14.84 32.94 -12.84
C LEU A 110 -14.80 32.72 -11.34
N LYS A 111 -15.75 33.27 -10.63
CA LYS A 111 -15.79 33.23 -9.19
C LYS A 111 -17.12 32.73 -8.70
N CYS A 112 -17.08 31.78 -7.78
CA CYS A 112 -18.26 31.23 -7.21
C CYS A 112 -18.68 32.04 -6.01
N ASN A 113 -19.91 32.50 -6.02
CA ASN A 113 -20.39 33.29 -4.91
C ASN A 113 -21.41 32.58 -4.01
N ASP A 114 -21.68 31.31 -4.24
CA ASP A 114 -22.53 30.53 -3.35
C ASP A 114 -21.89 30.43 -1.98
N LYS A 115 -22.66 30.72 -0.94
CA LYS A 115 -22.11 30.88 0.40
C LYS A 115 -21.66 29.57 1.05
N ASN A 116 -22.30 28.45 0.69
CA ASN A 116 -21.96 27.15 1.28
C ASN A 116 -21.38 26.19 0.25
N PHE A 117 -20.76 26.76 -0.79
CA PHE A 117 -20.08 25.99 -1.82
C PHE A 117 -18.90 25.22 -1.22
N ASN A 118 -18.81 23.93 -1.47
CA ASN A 118 -17.76 23.12 -0.83
C ASN A 118 -16.51 22.94 -1.69
N GLY A 119 -16.52 23.52 -2.89
CA GLY A 119 -15.32 23.53 -3.73
C GLY A 119 -15.41 22.65 -4.96
N THR A 120 -16.46 21.83 -5.04
CA THR A 120 -16.68 20.96 -6.18
C THR A 120 -18.15 20.95 -6.57
N GLY A 121 -18.42 20.96 -7.88
CA GLY A 121 -19.77 20.87 -8.39
C GLY A 121 -20.31 22.21 -8.87
N PRO A 122 -21.61 22.29 -9.04
CA PRO A 122 -22.24 23.46 -9.62
C PRO A 122 -22.32 24.64 -8.70
N CYS A 123 -22.21 25.80 -9.29
CA CYS A 123 -22.37 27.05 -8.61
C CYS A 123 -23.42 27.88 -9.30
N LYS A 124 -24.37 28.38 -8.54
CA LYS A 124 -25.51 29.10 -9.09
C LYS A 124 -25.32 30.61 -9.17
N ASN A 125 -24.49 31.15 -8.27
CA ASN A 125 -24.19 32.57 -8.23
C ASN A 125 -22.75 32.79 -8.67
N VAL A 126 -22.58 33.12 -9.95
CA VAL A 126 -21.25 33.24 -10.56
C VAL A 126 -20.97 34.64 -11.11
N SER A 127 -19.77 35.14 -10.85
CA SER A 127 -19.31 36.41 -11.42
C SER A 127 -17.97 36.23 -12.10
N SER A 128 -17.61 37.18 -12.96
CA SER A 128 -16.32 37.19 -13.63
C SER A 128 -15.46 38.33 -13.08
N VAL A 129 -14.18 38.04 -12.83
CA VAL A 129 -13.24 39.05 -12.37
C VAL A 129 -11.93 38.96 -13.14
N GLN A 130 -11.11 40.00 -13.03
CA GLN A 130 -9.80 40.02 -13.67
C GLN A 130 -8.73 39.50 -12.70
N CYS A 131 -9.02 39.60 -11.40
CA CYS A 131 -8.05 39.23 -10.36
C CYS A 131 -8.72 38.64 -9.12
N THR A 132 -8.02 37.71 -8.46
CA THR A 132 -8.48 37.17 -7.19
C THR A 132 -8.40 38.24 -6.09
N HIS A 133 -9.06 37.98 -4.97
CA HIS A 133 -8.80 38.77 -3.76
C HIS A 133 -7.34 38.55 -3.35
N GLY A 134 -6.83 39.42 -2.50
CA GLY A 134 -5.47 39.28 -2.02
C GLY A 134 -5.32 38.06 -1.13
N ILE A 135 -4.34 37.22 -1.44
CA ILE A 135 -4.10 35.99 -0.68
C ILE A 135 -2.69 36.00 -0.09
N LYS A 136 -2.61 35.87 1.24
CA LYS A 136 -1.33 35.76 1.93
C LYS A 136 -0.76 34.35 1.78
N PRO A 137 0.50 34.22 1.30
CA PRO A 137 1.10 32.90 1.17
C PRO A 137 1.67 32.37 2.49
N VAL A 138 0.78 32.20 3.47
CA VAL A 138 1.19 31.68 4.77
C VAL A 138 1.43 30.18 4.68
N VAL A 139 2.62 29.77 5.07
CA VAL A 139 3.01 28.38 5.03
C VAL A 139 2.87 27.83 6.45
N SER A 140 1.99 26.85 6.61
CA SER A 140 1.76 26.26 7.92
C SER A 140 1.19 24.87 7.81
N THR A 141 1.25 24.13 8.91
CA THR A 141 0.64 22.81 8.99
C THR A 141 -0.41 22.77 10.11
N GLN A 142 -1.30 21.79 10.04
CA GLN A 142 -2.38 21.58 11.00
C GLN A 142 -3.42 22.69 11.03
N LEU A 143 -2.97 23.92 11.28
CA LEU A 143 -3.86 25.08 11.37
C LEU A 143 -3.61 26.09 10.26
N LEU A 144 -4.67 26.54 9.62
CA LEU A 144 -4.54 27.54 8.58
C LEU A 144 -4.70 28.92 9.20
N LEU A 145 -3.72 29.77 8.94
CA LEU A 145 -3.63 31.07 9.56
C LEU A 145 -3.85 32.22 8.61
N ASN A 146 -4.35 33.33 9.16
CA ASN A 146 -4.44 34.59 8.42
C ASN A 146 -5.10 34.47 7.06
N GLY A 147 -6.00 33.52 6.93
CA GLY A 147 -6.75 33.32 5.70
C GLY A 147 -8.15 33.91 5.74
N SER A 148 -8.99 33.48 4.82
CA SER A 148 -10.36 33.97 4.77
C SER A 148 -11.27 33.05 5.57
N LEU A 149 -12.46 33.52 5.90
CA LEU A 149 -13.44 32.71 6.62
C LEU A 149 -14.60 32.34 5.70
N ALA A 150 -15.24 31.24 6.03
CA ALA A 150 -16.47 30.90 5.39
C ALA A 150 -17.53 31.89 5.83
N GLU A 151 -18.32 32.34 4.87
CA GLU A 151 -19.35 33.34 5.08
C GLU A 151 -20.53 32.96 5.96
N GLU A 152 -21.00 31.72 5.83
CA GLU A 152 -22.15 31.25 6.57
C GLU A 152 -21.80 30.12 7.53
N GLU A 153 -22.02 28.90 7.10
CA GLU A 153 -21.73 27.72 7.90
C GLU A 153 -20.26 27.32 7.85
N ILE A 154 -19.84 26.51 8.80
CA ILE A 154 -18.55 25.85 8.68
C ILE A 154 -18.63 24.91 7.49
N ILE A 155 -17.55 24.83 6.71
CA ILE A 155 -17.54 24.04 5.47
C ILE A 155 -16.45 22.98 5.46
N ILE A 156 -16.82 21.78 5.02
CA ILE A 156 -15.89 20.67 4.89
C ILE A 156 -15.55 20.46 3.43
N ARG A 157 -14.26 20.57 3.10
CA ARG A 157 -13.80 20.40 1.72
C ARG A 157 -12.96 19.13 1.60
N SER A 158 -13.37 18.28 0.67
CA SER A 158 -12.69 17.02 0.42
C SER A 158 -13.08 16.53 -0.96
N GLU A 159 -12.13 15.98 -1.71
CA GLU A 159 -12.43 15.38 -2.99
C GLU A 159 -13.27 14.15 -2.70
N ASN A 160 -14.21 13.86 -3.58
CA ASN A 160 -15.16 12.77 -3.35
C ASN A 160 -15.20 11.82 -4.53
N LEU A 161 -14.03 11.27 -4.86
CA LEU A 161 -13.89 10.21 -5.85
C LEU A 161 -13.89 8.87 -5.12
N THR A 162 -13.50 8.93 -3.84
CA THR A 162 -13.32 7.77 -3.00
C THR A 162 -13.58 8.17 -1.56
N ASN A 163 -13.76 7.21 -0.65
CA ASN A 163 -13.70 7.50 0.78
C ASN A 163 -12.25 7.56 1.30
N ASN A 164 -11.30 7.13 0.46
CA ASN A 164 -9.88 7.23 0.77
C ASN A 164 -9.37 8.59 0.34
N ALA A 165 -9.73 9.61 1.09
CA ALA A 165 -9.27 10.95 0.84
C ALA A 165 -7.90 11.21 1.37
N LYS A 166 -7.26 12.25 0.89
CA LYS A 166 -6.04 12.72 1.47
C LYS A 166 -6.45 13.79 2.50
N THR A 167 -6.14 15.04 2.26
CA THR A 167 -6.46 16.05 3.24
C THR A 167 -7.90 16.46 3.26
N ILE A 168 -8.42 16.75 4.43
CA ILE A 168 -9.72 17.31 4.56
C ILE A 168 -9.56 18.71 5.07
N ILE A 169 -10.05 19.68 4.32
CA ILE A 169 -9.92 21.08 4.70
C ILE A 169 -11.20 21.56 5.38
N VAL A 170 -11.06 22.01 6.62
CA VAL A 170 -12.16 22.64 7.35
C VAL A 170 -12.05 24.16 7.22
N HIS A 171 -13.12 24.79 6.74
CA HIS A 171 -13.15 26.24 6.60
C HIS A 171 -14.06 26.85 7.67
N LEU A 172 -13.45 27.54 8.64
CA LEU A 172 -14.17 28.13 9.75
C LEU A 172 -14.95 29.37 9.33
N ASN A 173 -16.07 29.62 10.00
CA ASN A 173 -16.84 30.85 9.80
C ASN A 173 -16.60 31.86 10.92
N LYS A 174 -15.79 31.46 11.89
CA LYS A 174 -15.37 32.36 12.97
C LYS A 174 -13.91 32.08 13.30
N SER A 175 -13.08 33.11 13.22
CA SER A 175 -11.66 32.95 13.49
C SER A 175 -11.39 32.90 14.99
N VAL A 176 -10.29 32.24 15.35
CA VAL A 176 -9.85 32.15 16.74
C VAL A 176 -8.39 32.55 16.82
N GLU A 177 -8.08 33.46 17.72
CA GLU A 177 -6.76 34.04 17.81
C GLU A 177 -5.76 33.12 18.48
N ILE A 178 -4.54 33.10 17.96
CA ILE A 178 -3.48 32.31 18.54
C ILE A 178 -2.26 33.18 18.77
N ASN A 179 -1.85 33.31 20.02
CA ASN A 179 -0.81 34.23 20.42
C ASN A 179 0.47 33.49 20.80
N CYS A 180 1.44 33.50 19.91
CA CYS A 180 2.66 32.73 20.09
C CYS A 180 3.83 33.62 20.43
N THR A 181 4.56 33.25 21.46
CA THR A 181 5.64 34.08 21.96
C THR A 181 6.89 33.29 22.33
N ARG A 182 8.05 33.80 21.95
CA ARG A 182 9.31 33.43 22.56
C ARG A 182 9.70 34.60 23.46
N PRO A 183 9.61 34.41 24.79
CA PRO A 183 9.86 35.54 25.70
C PRO A 183 11.30 36.04 25.68
N SER A 184 11.53 37.25 26.19
CA SER A 184 12.88 37.81 26.32
C SER A 184 13.44 37.51 27.71
N ASP A 193 16.26 26.61 25.68
CA ASP A 193 15.93 27.76 26.52
C ASP A 193 15.53 28.96 25.67
N ILE A 194 16.49 29.55 24.97
CA ILE A 194 16.19 30.62 24.03
C ILE A 194 15.33 30.12 22.86
N ARG A 195 15.12 28.81 22.79
CA ARG A 195 14.27 28.21 21.77
C ARG A 195 12.94 27.71 22.32
N LYS A 196 12.72 27.90 23.61
CA LYS A 196 11.44 27.57 24.21
C LYS A 196 10.44 28.70 23.97
N ALA A 197 9.27 28.33 23.48
CA ALA A 197 8.22 29.29 23.21
C ALA A 197 6.87 28.67 23.62
N TYR A 198 5.80 29.44 23.48
CA TYR A 198 4.47 28.91 23.73
C TYR A 198 3.41 29.67 22.96
N CYS A 199 2.29 28.99 22.71
CA CYS A 199 1.15 29.61 22.05
C CYS A 199 -0.03 29.64 23.01
N GLU A 200 -0.60 30.84 23.18
CA GLU A 200 -1.76 31.01 24.04
C GLU A 200 -3.03 31.10 23.20
N ILE A 201 -4.04 30.34 23.60
CA ILE A 201 -5.32 30.33 22.92
C ILE A 201 -6.44 30.35 23.95
N ASN A 202 -7.46 31.16 23.69
CA ASN A 202 -8.62 31.24 24.55
C ASN A 202 -9.42 29.93 24.48
N GLY A 203 -9.41 29.19 25.59
CA GLY A 203 -9.99 27.86 25.63
C GLY A 203 -11.48 27.80 25.39
N THR A 204 -12.24 28.73 25.97
CA THR A 204 -13.69 28.68 25.83
C THR A 204 -14.08 29.02 24.40
N LYS A 205 -13.35 29.95 23.79
CA LYS A 205 -13.58 30.32 22.40
C LYS A 205 -13.25 29.16 21.45
N TRP A 206 -12.10 28.52 21.66
CA TRP A 206 -11.67 27.43 20.79
C TRP A 206 -12.58 26.21 20.86
N ASN A 207 -12.86 25.77 22.08
CA ASN A 207 -13.67 24.57 22.30
C ASN A 207 -15.11 24.76 21.80
N LYS A 208 -15.58 26.00 21.77
CA LYS A 208 -16.87 26.31 21.16
C LYS A 208 -16.83 26.01 19.67
N VAL A 209 -15.81 26.54 19.00
CA VAL A 209 -15.66 26.35 17.56
C VAL A 209 -15.40 24.88 17.22
N LEU A 210 -14.58 24.22 18.01
CA LEU A 210 -14.22 22.85 17.71
C LEU A 210 -15.42 21.92 17.90
N LYS A 211 -16.32 22.29 18.80
CA LYS A 211 -17.54 21.51 18.97
C LYS A 211 -18.44 21.66 17.75
N GLN A 212 -18.48 22.85 17.18
CA GLN A 212 -19.22 23.09 15.94
C GLN A 212 -18.61 22.34 14.75
N VAL A 213 -17.28 22.34 14.67
CA VAL A 213 -16.56 21.57 13.66
C VAL A 213 -16.95 20.11 13.78
N THR A 214 -16.96 19.62 15.02
CA THR A 214 -17.33 18.24 15.32
C THR A 214 -18.72 17.91 14.83
N GLU A 215 -19.67 18.80 15.08
CA GLU A 215 -21.05 18.56 14.68
C GLU A 215 -21.22 18.60 13.16
N LYS A 216 -20.36 19.38 12.49
CA LYS A 216 -20.38 19.42 11.03
C LYS A 216 -19.78 18.15 10.45
N LEU A 217 -18.69 17.66 11.06
CA LEU A 217 -18.09 16.40 10.64
C LEU A 217 -19.06 15.24 10.81
N LYS A 218 -19.84 15.30 11.89
CA LYS A 218 -20.84 14.27 12.15
C LYS A 218 -21.88 14.27 11.05
N GLU A 219 -22.35 15.46 10.70
CA GLU A 219 -23.32 15.66 9.64
C GLU A 219 -22.80 15.09 8.32
N HIS A 220 -21.52 15.33 8.06
CA HIS A 220 -20.89 14.92 6.81
C HIS A 220 -20.64 13.42 6.74
N PHE A 221 -20.32 12.82 7.88
CA PHE A 221 -19.92 11.41 7.91
C PHE A 221 -20.95 10.50 8.55
N ASN A 222 -22.15 10.51 7.96
CA ASN A 222 -23.19 9.56 8.29
C ASN A 222 -23.53 9.55 9.78
N ASN A 223 -23.37 10.71 10.41
CA ASN A 223 -23.87 10.92 11.76
C ASN A 223 -23.15 10.08 12.81
N LYS A 224 -21.91 9.69 12.51
CA LYS A 224 -21.10 8.90 13.44
C LYS A 224 -20.46 9.76 14.52
N THR A 225 -19.99 9.11 15.58
CA THR A 225 -19.30 9.81 16.66
C THR A 225 -17.90 10.23 16.19
N ILE A 226 -17.57 11.49 16.42
CA ILE A 226 -16.33 12.06 15.94
C ILE A 226 -15.30 12.09 17.04
N ILE A 227 -14.13 11.51 16.76
CA ILE A 227 -13.03 11.44 17.72
C ILE A 227 -11.77 12.01 17.11
N PHE A 228 -11.09 12.88 17.86
CA PHE A 228 -9.78 13.37 17.46
C PHE A 228 -8.69 12.60 18.18
N GLN A 229 -7.58 12.39 17.49
CA GLN A 229 -6.39 11.87 18.14
C GLN A 229 -5.14 12.50 17.53
N PRO A 230 -4.00 12.36 18.21
CA PRO A 230 -2.82 13.08 17.72
C PRO A 230 -2.32 12.52 16.40
N PRO A 231 -1.46 13.28 15.70
CA PRO A 231 -0.89 12.83 14.43
C PRO A 231 -0.16 11.49 14.55
N SER A 232 -0.26 10.67 13.52
CA SER A 232 0.28 9.32 13.55
C SER A 232 1.79 9.30 13.78
N GLY A 233 2.49 10.28 13.22
CA GLY A 233 3.94 10.34 13.31
C GLY A 233 4.52 10.97 12.06
N GLY A 234 5.82 10.78 11.86
CA GLY A 234 6.51 11.36 10.72
C GLY A 234 7.30 12.60 11.10
N ASP A 235 7.56 13.46 10.13
CA ASP A 235 8.33 14.68 10.38
C ASP A 235 7.68 15.55 11.44
N LEU A 236 8.50 16.24 12.21
CA LEU A 236 8.01 17.19 13.21
C LEU A 236 7.18 18.30 12.57
N GLU A 237 7.43 18.58 11.30
CA GLU A 237 6.70 19.64 10.62
C GLU A 237 5.21 19.32 10.53
N ILE A 238 4.86 18.04 10.54
CA ILE A 238 3.46 17.63 10.45
C ILE A 238 2.89 17.06 11.74
N THR A 239 3.74 16.61 12.67
CA THR A 239 3.23 16.14 13.96
C THR A 239 2.96 17.32 14.88
N MET A 240 3.48 18.49 14.49
CA MET A 240 3.34 19.71 15.25
C MET A 240 2.67 20.77 14.40
N HIS A 241 2.06 21.76 15.05
CA HIS A 241 1.66 22.99 14.36
C HIS A 241 2.93 23.75 14.02
N HIS A 242 3.26 23.78 12.74
CA HIS A 242 4.53 24.34 12.26
C HIS A 242 4.27 25.57 11.41
N PHE A 243 5.06 26.61 11.64
CA PHE A 243 4.88 27.87 10.94
C PHE A 243 6.09 28.77 11.14
N ASN A 244 6.19 29.83 10.34
CA ASN A 244 7.29 30.79 10.43
C ASN A 244 6.81 32.09 11.04
N CYS A 245 7.45 32.48 12.14
CA CYS A 245 7.15 33.73 12.82
C CYS A 245 8.39 34.62 12.87
N ARG A 246 8.33 35.73 12.14
CA ARG A 246 9.42 36.71 12.09
C ARG A 246 10.74 36.10 11.62
N GLY A 247 10.66 35.09 10.77
CA GLY A 247 11.84 34.44 10.22
C GLY A 247 12.20 33.15 10.94
N GLU A 248 11.68 32.98 12.15
CA GLU A 248 12.00 31.82 12.99
C GLU A 248 10.98 30.70 12.79
N PHE A 249 11.47 29.46 12.70
CA PHE A 249 10.62 28.31 12.46
C PHE A 249 10.12 27.71 13.78
N PHE A 250 8.82 27.86 14.04
CA PHE A 250 8.17 27.39 15.27
C PHE A 250 7.57 26.00 15.11
N TYR A 251 7.62 25.20 16.17
CA TYR A 251 6.98 23.88 16.22
C TYR A 251 6.17 23.77 17.51
N CYS A 252 4.85 23.77 17.40
CA CYS A 252 3.98 23.76 18.59
C CYS A 252 3.14 22.48 18.72
N ASN A 253 3.10 21.95 19.94
CA ASN A 253 2.37 20.72 20.25
C ASN A 253 0.87 21.02 20.46
N THR A 254 0.02 20.44 19.63
CA THR A 254 -1.42 20.77 19.64
C THR A 254 -2.34 19.77 20.35
N THR A 255 -1.79 18.80 21.10
CA THR A 255 -2.64 17.81 21.76
C THR A 255 -3.75 18.46 22.61
N GLN A 256 -3.44 19.59 23.26
CA GLN A 256 -4.44 20.26 24.09
C GLN A 256 -5.55 20.92 23.28
N LEU A 257 -5.30 21.16 21.98
CA LEU A 257 -6.31 21.78 21.13
C LEU A 257 -7.37 20.77 20.70
N PHE A 258 -6.98 19.51 20.58
CA PHE A 258 -7.88 18.48 20.09
C PHE A 258 -8.21 17.51 21.21
N ASN A 259 -8.76 18.09 22.27
CA ASN A 259 -9.12 17.38 23.48
C ASN A 259 -10.58 16.96 23.44
N ASN A 260 -10.81 15.65 23.32
CA ASN A 260 -12.16 15.12 23.19
C ASN A 260 -13.03 15.38 24.42
N THR A 261 -12.40 15.45 25.60
CA THR A 261 -13.15 15.62 26.84
C THR A 261 -13.77 17.02 26.93
N CYS A 262 -13.17 17.97 26.22
CA CYS A 262 -13.66 19.35 26.23
C CYS A 262 -14.84 19.54 25.28
N ILE A 263 -15.42 18.42 24.84
CA ILE A 263 -16.67 18.43 24.08
C ILE A 263 -17.61 17.38 24.65
N THR A 267 -20.22 19.56 29.71
CA THR A 267 -19.00 20.30 29.99
C THR A 267 -18.20 19.65 31.11
N MET A 268 -16.90 19.90 31.11
CA MET A 268 -16.01 19.44 32.17
C MET A 268 -15.13 20.59 32.65
N LYS A 269 -14.34 20.36 33.68
CA LYS A 269 -13.55 21.43 34.28
C LYS A 269 -12.19 21.60 33.59
N GLY A 270 -11.64 22.79 33.71
CA GLY A 270 -10.32 23.09 33.19
C GLY A 270 -10.27 23.26 31.68
N CYS A 271 -11.43 23.21 31.05
CA CYS A 271 -11.53 23.38 29.62
C CYS A 271 -11.67 24.86 29.26
N ASN A 272 -12.18 25.65 30.19
CA ASN A 272 -12.24 27.09 30.03
C ASN A 272 -10.88 27.72 30.31
N GLY A 273 -10.77 29.03 30.13
CA GLY A 273 -9.53 29.74 30.42
C GLY A 273 -8.50 29.57 29.32
N THR A 274 -7.29 30.04 29.57
CA THR A 274 -6.23 30.05 28.57
C THR A 274 -5.61 28.67 28.35
N ILE A 275 -5.53 28.27 27.08
CA ILE A 275 -4.78 27.08 26.67
C ILE A 275 -3.37 27.50 26.26
N THR A 276 -2.38 26.90 26.90
CA THR A 276 -0.98 27.20 26.62
C THR A 276 -0.32 25.99 25.97
N LEU A 277 0.00 26.11 24.68
CA LEU A 277 0.71 25.04 23.98
C LEU A 277 2.21 25.24 24.11
N PRO A 278 2.95 24.15 24.38
CA PRO A 278 4.42 24.28 24.37
C PRO A 278 4.97 24.32 22.96
N CYS A 279 5.99 25.15 22.73
CA CYS A 279 6.55 25.30 21.40
C CYS A 279 8.07 25.30 21.45
N LYS A 280 8.67 25.00 20.31
CA LYS A 280 10.11 25.08 20.17
C LYS A 280 10.45 25.80 18.87
N ILE A 281 11.48 26.65 18.91
CA ILE A 281 12.08 27.17 17.70
C ILE A 281 13.20 26.22 17.27
N LYS A 282 13.21 25.82 16.01
CA LYS A 282 14.21 24.91 15.48
C LYS A 282 15.04 25.58 14.40
N GLN A 283 16.33 25.28 14.41
CA GLN A 283 17.24 25.75 13.36
C GLN A 283 17.30 24.77 12.20
N ILE A 284 17.17 23.48 12.51
CA ILE A 284 17.19 22.43 11.48
C ILE A 284 15.77 22.02 11.13
N ILE A 285 15.40 22.17 9.86
CA ILE A 285 14.04 21.92 9.40
C ILE A 285 14.03 20.96 8.20
N ASN A 286 12.90 20.29 7.99
CA ASN A 286 12.64 19.66 6.69
C ASN A 286 11.91 20.66 5.81
N MET A 287 12.46 20.93 4.64
CA MET A 287 11.90 21.94 3.75
C MET A 287 10.56 21.49 3.20
N TRP A 288 9.56 22.36 3.34
CA TRP A 288 8.22 22.06 2.85
C TRP A 288 8.21 21.92 1.33
N GLN A 289 9.20 22.51 0.68
CA GLN A 289 9.37 22.36 -0.76
C GLN A 289 9.64 20.89 -1.12
N GLY A 290 10.05 20.10 -0.13
CA GLY A 290 10.20 18.66 -0.29
C GLY A 290 11.58 18.27 -0.80
N THR A 291 12.48 19.24 -0.81
CA THR A 291 13.78 19.09 -1.47
C THR A 291 14.90 18.63 -0.53
N GLY A 292 14.61 18.54 0.75
CA GLY A 292 15.62 18.16 1.73
C GLY A 292 15.55 18.95 3.03
N GLN A 293 16.70 19.28 3.57
CA GLN A 293 16.81 19.91 4.89
C GLN A 293 17.65 21.17 4.85
N ALA A 294 17.43 22.05 5.82
CA ALA A 294 18.17 23.32 5.92
C ALA A 294 18.45 23.65 7.37
N MET A 295 19.60 24.28 7.61
CA MET A 295 19.91 24.78 8.95
C MET A 295 20.00 26.30 8.95
N TYR A 296 19.35 26.91 9.95
CA TYR A 296 19.35 28.34 10.13
C TYR A 296 20.10 28.74 11.40
N ALA A 297 20.29 30.03 11.60
CA ALA A 297 21.01 30.53 12.76
C ALA A 297 20.09 30.57 13.99
N PRO A 298 20.69 30.66 15.18
CA PRO A 298 19.89 30.74 16.42
C PRO A 298 18.93 31.92 16.42
N PRO A 299 17.87 31.87 17.24
CA PRO A 299 16.85 32.92 17.27
C PRO A 299 17.39 34.34 17.47
N ILE A 300 16.72 35.32 16.88
CA ILE A 300 16.99 36.72 17.17
C ILE A 300 16.77 36.99 18.66
N ASP A 301 17.44 38.02 19.18
CA ASP A 301 17.24 38.45 20.55
C ASP A 301 15.93 39.21 20.69
N GLY A 302 15.48 39.40 21.93
CA GLY A 302 14.29 40.16 22.20
C GLY A 302 13.03 39.30 22.17
N LYS A 303 11.88 39.95 22.31
CA LYS A 303 10.59 39.27 22.34
C LYS A 303 10.13 38.94 20.92
N ILE A 304 9.96 37.65 20.65
CA ILE A 304 9.48 37.19 19.35
C ILE A 304 8.00 36.83 19.47
N ASN A 305 7.16 37.50 18.69
CA ASN A 305 5.72 37.38 18.85
C ASN A 305 4.98 37.43 17.51
N CYS A 306 4.05 36.51 17.33
CA CYS A 306 3.12 36.52 16.22
C CYS A 306 1.70 36.23 16.71
N VAL A 307 0.78 37.15 16.43
CA VAL A 307 -0.65 36.91 16.68
C VAL A 307 -1.35 36.65 15.35
N SER A 308 -1.99 35.48 15.22
CA SER A 308 -2.65 35.08 13.98
C SER A 308 -4.11 34.68 14.17
N ASN A 309 -4.92 34.81 13.12
CA ASN A 309 -6.23 34.19 13.06
C ASN A 309 -6.10 32.72 12.72
N ILE A 310 -6.73 31.83 13.49
CA ILE A 310 -6.99 30.49 12.98
C ILE A 310 -8.27 30.56 12.17
N THR A 311 -8.17 30.25 10.87
CA THR A 311 -9.30 30.37 9.97
C THR A 311 -9.69 29.04 9.32
N GLY A 312 -8.89 28.01 9.60
CA GLY A 312 -9.15 26.70 9.04
C GLY A 312 -8.31 25.63 9.71
N ILE A 313 -8.68 24.37 9.48
CA ILE A 313 -8.01 23.23 10.09
C ILE A 313 -7.80 22.16 9.01
N LEU A 314 -6.58 21.63 8.96
CA LEU A 314 -6.27 20.53 8.07
C LEU A 314 -6.37 19.21 8.84
N LEU A 315 -7.11 18.26 8.28
CA LEU A 315 -7.36 16.97 8.92
C LEU A 315 -7.14 15.79 7.98
N THR A 316 -6.87 14.62 8.56
CA THR A 316 -6.98 13.34 7.84
C THR A 316 -7.90 12.43 8.63
N ARG A 317 -8.57 11.52 7.93
CA ARG A 317 -9.47 10.56 8.56
C ARG A 317 -8.87 9.16 8.52
N ASP A 318 -8.77 8.52 9.68
CA ASP A 318 -8.27 7.15 9.77
C ASP A 318 -9.10 6.20 8.92
N GLY A 319 -8.42 5.48 8.03
CA GLY A 319 -9.10 4.65 7.05
C GLY A 319 -9.10 3.16 7.34
N GLY A 320 -8.20 2.71 8.21
CA GLY A 320 -7.92 1.29 8.35
C GLY A 320 -8.56 0.57 9.53
N ALA A 321 -9.35 1.26 10.33
CA ALA A 321 -9.98 0.65 11.50
C ALA A 321 -11.48 0.53 11.30
N ASN A 322 -12.05 -0.55 11.86
CA ASN A 322 -13.50 -0.74 11.85
C ASN A 322 -14.23 0.49 12.39
N ASN A 323 -15.29 0.89 11.70
CA ASN A 323 -16.10 2.04 12.10
C ASN A 323 -17.58 1.72 12.14
N THR A 324 -18.06 1.29 13.30
CA THR A 324 -19.49 1.05 13.49
C THR A 324 -20.17 2.34 13.88
N SER A 325 -19.62 3.00 14.91
CA SER A 325 -20.26 4.14 15.53
C SER A 325 -19.38 5.40 15.55
N ASN A 326 -18.15 5.29 15.06
CA ASN A 326 -17.24 6.45 15.10
C ASN A 326 -16.24 6.56 13.97
N GLU A 327 -15.81 7.80 13.73
CA GLU A 327 -14.72 8.13 12.82
C GLU A 327 -13.62 8.85 13.58
N THR A 328 -12.38 8.64 13.17
CA THR A 328 -11.23 9.24 13.85
C THR A 328 -10.51 10.20 12.91
N PHE A 329 -10.21 11.40 13.44
CA PHE A 329 -9.51 12.41 12.66
C PHE A 329 -8.24 12.85 13.38
N ARG A 330 -7.20 13.14 12.61
CA ARG A 330 -5.93 13.63 13.14
C ARG A 330 -5.55 14.92 12.42
N PRO A 331 -4.90 15.86 13.14
CA PRO A 331 -4.47 17.07 12.44
C PRO A 331 -3.48 16.74 11.32
N GLY A 332 -3.62 17.43 10.18
CA GLY A 332 -2.88 17.11 8.98
C GLY A 332 -2.03 18.27 8.49
N GLY A 333 -1.76 18.28 7.19
CA GLY A 333 -0.92 19.31 6.58
C GLY A 333 0.43 18.79 6.15
N GLY A 334 1.23 19.68 5.58
CA GLY A 334 2.55 19.34 5.07
C GLY A 334 2.61 19.52 3.58
N ASN A 335 1.52 19.17 2.89
CA ASN A 335 1.38 19.49 1.47
C ASN A 335 0.83 20.90 1.33
N ILE A 336 1.69 21.83 0.98
CA ILE A 336 1.33 23.23 1.07
C ILE A 336 0.40 23.63 -0.09
N LYS A 337 0.15 22.72 -1.02
CA LYS A 337 -0.89 22.95 -2.02
C LYS A 337 -2.29 22.96 -1.40
N ASP A 338 -2.48 22.20 -0.32
CA ASP A 338 -3.74 22.28 0.43
C ASP A 338 -3.97 23.70 0.98
N ASN A 339 -2.90 24.34 1.45
CA ASN A 339 -3.00 25.72 1.91
C ASN A 339 -3.55 26.64 0.81
N TRP A 340 -3.01 26.53 -0.40
CA TRP A 340 -3.46 27.38 -1.50
C TRP A 340 -4.87 26.99 -1.92
N ARG A 341 -5.21 25.71 -1.78
CA ARG A 341 -6.55 25.25 -2.14
C ARG A 341 -7.61 25.87 -1.24
N SER A 342 -7.29 26.07 0.03
CA SER A 342 -8.23 26.64 0.98
C SER A 342 -8.65 28.06 0.61
N GLU A 343 -7.92 28.69 -0.30
CA GLU A 343 -8.21 30.07 -0.69
C GLU A 343 -8.62 30.22 -2.16
N LEU A 344 -8.14 29.30 -3.01
CA LEU A 344 -8.39 29.41 -4.45
C LEU A 344 -9.60 28.58 -4.90
N TYR A 345 -10.23 27.88 -3.97
CA TYR A 345 -11.34 26.99 -4.27
C TYR A 345 -12.50 27.66 -5.02
N LYS A 346 -12.68 28.96 -4.83
CA LYS A 346 -13.82 29.67 -5.42
C LYS A 346 -13.51 30.24 -6.81
N TYR A 347 -12.31 29.98 -7.32
CA TYR A 347 -11.85 30.58 -8.58
C TYR A 347 -11.51 29.53 -9.63
N LYS A 348 -11.72 29.87 -10.90
CA LYS A 348 -11.25 29.04 -12.01
C LYS A 348 -11.03 29.92 -13.25
N VAL A 349 -10.01 29.57 -14.05
CA VAL A 349 -9.69 30.33 -15.25
C VAL A 349 -10.45 29.77 -16.46
N VAL A 350 -11.00 30.68 -17.27
CA VAL A 350 -11.63 30.30 -18.53
C VAL A 350 -11.12 31.20 -19.65
N GLN A 351 -11.15 30.66 -20.86
CA GLN A 351 -10.72 31.37 -22.06
C GLN A 351 -11.91 31.91 -22.81
N ILE A 352 -11.81 33.14 -23.30
CA ILE A 352 -12.88 33.72 -24.12
C ILE A 352 -12.79 33.22 -25.55
N GLN B 1 10.55 4.62 -15.30
CA GLN B 1 11.26 3.32 -15.11
C GLN B 1 11.26 2.98 -13.62
N VAL B 2 10.06 2.83 -13.08
CA VAL B 2 9.85 2.66 -11.64
C VAL B 2 10.41 1.33 -11.16
N ARG B 3 11.11 1.35 -10.03
CA ARG B 3 11.51 0.12 -9.38
C ARG B 3 11.45 0.24 -7.86
N LEU B 4 10.96 -0.83 -7.24
CA LEU B 4 10.91 -0.99 -5.81
C LEU B 4 11.65 -2.27 -5.44
N LEU B 5 12.90 -2.13 -5.00
CA LEU B 5 13.73 -3.28 -4.64
C LEU B 5 13.58 -3.55 -3.15
N GLN B 6 13.33 -4.81 -2.79
CA GLN B 6 13.02 -5.16 -1.41
C GLN B 6 14.13 -5.97 -0.73
N TYR B 7 14.20 -5.83 0.59
CA TYR B 7 15.18 -6.52 1.41
C TYR B 7 14.57 -6.91 2.75
N GLY B 8 15.21 -7.86 3.43
CA GLY B 8 14.85 -8.21 4.80
C GLY B 8 14.15 -9.54 4.99
N GLY B 9 14.09 -10.36 3.93
CA GLY B 9 13.45 -11.66 4.04
C GLY B 9 14.22 -12.61 4.94
N GLY B 10 13.62 -13.77 5.22
CA GLY B 10 14.29 -14.81 5.98
C GLY B 10 13.53 -15.33 7.18
N VAL B 11 14.24 -16.11 8.00
CA VAL B 11 13.69 -16.70 9.20
C VAL B 11 13.68 -15.70 10.36
N LYS B 12 12.54 -15.58 11.02
CA LYS B 12 12.40 -14.73 12.21
C LYS B 12 11.93 -15.60 13.36
N ARG B 13 12.30 -15.24 14.58
CA ARG B 13 11.93 -16.03 15.74
C ARG B 13 10.61 -15.51 16.33
N PRO B 14 9.73 -16.43 16.76
CA PRO B 14 8.48 -15.97 17.39
C PRO B 14 8.75 -15.09 18.61
N GLY B 15 7.96 -14.04 18.76
CA GLY B 15 8.13 -13.10 19.86
C GLY B 15 9.10 -11.98 19.55
N ALA B 16 9.91 -12.16 18.51
CA ALA B 16 10.85 -11.12 18.09
C ALA B 16 10.15 -10.09 17.20
N SER B 17 10.92 -9.10 16.77
CA SER B 17 10.43 -8.11 15.83
C SER B 17 11.34 -8.11 14.60
N MET B 18 10.78 -7.75 13.45
CA MET B 18 11.53 -7.70 12.22
C MET B 18 11.44 -6.33 11.57
N THR B 19 12.46 -5.99 10.80
CA THR B 19 12.41 -4.82 9.91
C THR B 19 12.69 -5.27 8.48
N ILE B 20 11.78 -4.93 7.57
CA ILE B 20 12.01 -5.14 6.15
C ILE B 20 12.03 -3.77 5.49
N SER B 21 12.52 -3.70 4.26
CA SER B 21 12.72 -2.40 3.64
C SER B 21 12.53 -2.43 2.13
N CYS B 22 12.43 -1.24 1.56
CA CYS B 22 12.11 -1.07 0.15
C CYS B 22 12.80 0.20 -0.36
N VAL B 23 13.59 0.03 -1.41
CA VAL B 23 14.34 1.12 -2.02
C VAL B 23 13.69 1.50 -3.35
N ALA B 24 13.23 2.74 -3.44
CA ALA B 24 12.48 3.21 -4.60
C ALA B 24 13.35 4.04 -5.54
N SER B 25 13.05 3.96 -6.83
CA SER B 25 13.77 4.77 -7.82
C SER B 25 13.00 4.85 -9.13
N GLY B 26 13.41 5.77 -9.98
CA GLY B 26 12.80 5.96 -11.28
C GLY B 26 11.62 6.91 -11.26
N TYR B 27 11.40 7.56 -10.13
CA TYR B 27 10.32 8.54 -10.02
C TYR B 27 10.56 9.47 -8.84
N ASN B 28 9.74 10.50 -8.70
CA ASN B 28 9.87 11.42 -7.56
C ASN B 28 9.29 10.77 -6.30
N PHE B 29 10.18 10.43 -5.39
CA PHE B 29 9.87 9.69 -4.17
C PHE B 29 8.75 10.32 -3.34
N ASN B 30 8.64 11.64 -3.40
CA ASN B 30 7.66 12.37 -2.59
C ASN B 30 6.21 12.28 -3.07
N ASP B 31 6.00 11.87 -4.31
CA ASP B 31 4.70 12.08 -4.97
C ASP B 31 3.77 10.86 -4.96
N TYR B 32 4.21 9.74 -4.39
CA TYR B 32 3.38 8.54 -4.32
C TYR B 32 3.42 7.90 -2.95
N TYR B 33 2.25 7.54 -2.43
CA TYR B 33 2.18 6.75 -1.20
C TYR B 33 2.69 5.35 -1.49
N ILE B 34 3.21 4.70 -0.47
CA ILE B 34 3.62 3.31 -0.57
C ILE B 34 2.83 2.48 0.42
N HIS B 35 2.30 1.37 -0.10
CA HIS B 35 1.49 0.45 0.68
C HIS B 35 2.27 -0.84 0.91
N TRP B 36 2.13 -1.40 2.10
CA TRP B 36 2.73 -2.70 2.43
C TRP B 36 1.64 -3.75 2.49
N VAL B 37 1.76 -4.75 1.62
CA VAL B 37 0.72 -5.76 1.43
C VAL B 37 1.35 -7.12 1.62
N ARG B 38 0.70 -7.99 2.39
CA ARG B 38 1.24 -9.33 2.61
C ARG B 38 0.25 -10.40 2.15
N GLN B 39 0.79 -11.57 1.82
CA GLN B 39 -0.03 -12.74 1.53
C GLN B 39 0.51 -13.96 2.25
N ALA B 40 -0.26 -14.42 3.24
CA ALA B 40 0.07 -15.63 3.97
C ALA B 40 -0.27 -16.83 3.08
N PRO B 41 0.55 -17.89 3.13
CA PRO B 41 0.24 -19.07 2.33
C PRO B 41 -1.18 -19.58 2.57
N GLY B 42 -1.93 -19.80 1.49
CA GLY B 42 -3.30 -20.26 1.59
C GLY B 42 -4.28 -19.17 1.99
N GLN B 43 -3.85 -17.91 1.90
CA GLN B 43 -4.70 -16.78 2.29
C GLN B 43 -4.70 -15.68 1.24
N GLY B 44 -5.57 -14.71 1.44
CA GLY B 44 -5.73 -13.61 0.49
C GLY B 44 -4.78 -12.47 0.78
N LEU B 45 -4.63 -11.60 -0.21
CA LEU B 45 -3.83 -10.38 -0.04
C LEU B 45 -4.47 -9.50 1.02
N GLU B 46 -3.63 -8.89 1.86
CA GLU B 46 -4.11 -8.02 2.92
C GLU B 46 -3.23 -6.79 3.08
N LEU B 47 -3.86 -5.62 3.08
CA LEU B 47 -3.14 -4.38 3.29
C LEU B 47 -2.80 -4.22 4.76
N MET B 48 -1.52 -3.95 5.04
CA MET B 48 -1.06 -3.71 6.41
C MET B 48 -1.15 -2.22 6.76
N GLY B 49 -1.01 -1.37 5.75
CA GLY B 49 -1.04 0.07 5.95
C GLY B 49 -0.22 0.80 4.90
N TRP B 50 -0.33 2.12 4.88
CA TRP B 50 0.42 2.93 3.94
C TRP B 50 1.24 4.02 4.63
N ILE B 51 2.23 4.51 3.90
CA ILE B 51 3.03 5.63 4.33
C ILE B 51 3.10 6.63 3.16
N ASP B 52 2.99 7.91 3.51
CA ASP B 52 3.18 9.00 2.58
C ASP B 52 4.63 9.49 2.77
N PRO B 53 5.52 9.17 1.81
CA PRO B 53 6.93 9.48 2.04
C PRO B 53 7.27 10.97 2.12
N SER B 54 6.40 11.86 1.64
CA SER B 54 6.69 13.29 1.64
C SER B 54 6.91 13.80 3.07
N GLY B 55 5.99 13.48 3.98
CA GLY B 55 6.09 13.90 5.38
C GLY B 55 6.14 12.76 6.39
N GLY B 56 5.89 11.54 5.93
CA GLY B 56 5.91 10.39 6.82
C GLY B 56 4.61 10.02 7.51
N ARG B 57 3.50 10.63 7.11
CA ARG B 57 2.19 10.25 7.68
C ARG B 57 1.89 8.79 7.35
N THR B 58 1.23 8.09 8.27
CA THR B 58 0.85 6.68 8.04
C THR B 58 -0.58 6.38 8.45
N ASP B 59 -1.06 5.24 7.98
CA ASP B 59 -2.40 4.76 8.30
C ASP B 59 -2.33 3.24 8.26
N TYR B 60 -2.67 2.60 9.36
CA TYR B 60 -2.51 1.14 9.51
C TYR B 60 -3.85 0.43 9.55
N ALA B 61 -3.86 -0.82 9.09
CA ALA B 61 -5.01 -1.69 9.28
C ALA B 61 -5.17 -2.03 10.76
N GLY B 62 -6.40 -1.97 11.26
CA GLY B 62 -6.68 -2.24 12.65
C GLY B 62 -6.28 -3.63 13.10
N ALA B 63 -6.26 -4.58 12.17
CA ALA B 63 -5.91 -5.97 12.49
C ALA B 63 -4.44 -6.07 12.90
N PHE B 64 -3.66 -5.05 12.57
CA PHE B 64 -2.26 -4.97 12.95
C PHE B 64 -2.04 -3.77 13.85
N GLY B 65 -2.96 -3.56 14.79
CA GLY B 65 -3.03 -2.33 15.56
C GLY B 65 -1.72 -1.87 16.16
N ASP B 66 -1.28 -2.57 17.19
CA ASP B 66 -0.14 -2.13 17.98
C ASP B 66 1.20 -2.46 17.35
N ARG B 67 1.22 -3.46 16.48
CA ARG B 67 2.47 -4.15 16.13
C ARG B 67 3.27 -3.59 14.96
N VAL B 68 2.67 -2.73 14.13
CA VAL B 68 3.33 -2.27 12.91
C VAL B 68 3.78 -0.83 13.00
N SER B 69 4.95 -0.56 12.41
CA SER B 69 5.45 0.81 12.20
C SER B 69 5.97 0.95 10.78
N MET B 70 5.64 2.08 10.15
CA MET B 70 6.16 2.41 8.85
C MET B 70 6.86 3.76 8.90
N TYR B 71 8.05 3.83 8.31
CA TYR B 71 8.84 5.05 8.32
C TYR B 71 9.77 5.04 7.11
N ARG B 72 10.54 6.10 6.92
CA ARG B 72 11.38 6.19 5.76
C ARG B 72 12.57 7.10 5.93
N ASP B 73 13.59 6.86 5.13
CA ASP B 73 14.76 7.73 5.05
C ASP B 73 14.69 8.46 3.71
N LYS B 74 14.13 9.67 3.74
CA LYS B 74 13.90 10.43 2.50
C LYS B 74 15.15 10.57 1.66
N SER B 75 16.27 10.91 2.30
CA SER B 75 17.52 11.15 1.60
C SER B 75 18.08 9.89 0.94
N MET B 76 17.51 8.73 1.25
CA MET B 76 17.96 7.46 0.71
C MET B 76 16.87 6.73 -0.10
N ASN B 77 15.75 7.42 -0.36
CA ASN B 77 14.62 6.82 -1.06
C ASN B 77 14.23 5.45 -0.48
N THR B 78 14.39 5.29 0.82
CA THR B 78 14.25 3.98 1.46
C THR B 78 13.08 3.95 2.45
N LEU B 79 12.27 2.90 2.33
CA LEU B 79 11.11 2.69 3.17
C LEU B 79 11.33 1.52 4.11
N TYR B 80 10.84 1.65 5.34
CA TYR B 80 11.00 0.60 6.36
C TYR B 80 9.64 0.22 6.96
N MET B 81 9.50 -1.07 7.28
CA MET B 81 8.35 -1.55 8.04
C MET B 81 8.82 -2.42 9.19
N ASP B 82 8.43 -2.06 10.41
CA ASP B 82 8.65 -2.92 11.56
C ASP B 82 7.39 -3.75 11.85
N LEU B 83 7.59 -4.99 12.27
CA LEU B 83 6.49 -5.81 12.76
C LEU B 83 6.96 -6.51 14.02
N ARG B 84 6.28 -6.23 15.13
CA ARG B 84 6.68 -6.71 16.45
C ARG B 84 5.84 -7.90 16.91
N SER B 85 6.28 -8.56 17.97
CA SER B 85 5.57 -9.69 18.55
C SER B 85 5.20 -10.72 17.49
N LEU B 86 6.19 -11.14 16.71
CA LEU B 86 5.94 -12.03 15.60
C LEU B 86 5.42 -13.38 16.06
N ARG B 87 4.48 -13.90 15.27
CA ARG B 87 3.91 -15.22 15.49
C ARG B 87 3.97 -16.01 14.18
N SER B 88 3.62 -17.29 14.21
CA SER B 88 3.65 -18.13 13.01
C SER B 88 2.71 -17.65 11.92
N GLY B 89 1.64 -16.95 12.30
CA GLY B 89 0.68 -16.42 11.36
C GLY B 89 1.23 -15.27 10.54
N ASP B 90 2.40 -14.79 10.92
CA ASP B 90 3.07 -13.71 10.20
C ASP B 90 3.96 -14.27 9.10
N THR B 91 4.02 -15.59 8.98
CA THR B 91 4.73 -16.20 7.86
C THR B 91 3.97 -15.86 6.59
N ALA B 92 4.65 -15.17 5.67
CA ALA B 92 3.98 -14.58 4.51
C ALA B 92 4.96 -13.96 3.55
N MET B 93 4.47 -13.71 2.33
CA MET B 93 5.15 -12.88 1.35
C MET B 93 4.79 -11.44 1.70
N TYR B 94 5.78 -10.56 1.81
CA TYR B 94 5.52 -9.15 2.10
C TYR B 94 5.90 -8.26 0.92
N TYR B 95 4.94 -7.46 0.43
CA TYR B 95 5.13 -6.64 -0.76
C TYR B 95 5.17 -5.15 -0.47
N CYS B 96 6.10 -4.48 -1.15
CA CYS B 96 6.19 -3.02 -1.24
C CYS B 96 5.46 -2.58 -2.52
N VAL B 97 4.44 -1.73 -2.39
CA VAL B 97 3.58 -1.37 -3.52
C VAL B 97 3.35 0.13 -3.59
N ARG B 98 3.44 0.73 -4.78
CA ARG B 98 3.19 2.17 -4.86
C ARG B 98 1.79 2.44 -5.41
N ASN B 99 1.21 3.48 -4.85
CA ASN B 99 -0.21 3.76 -4.93
C ASN B 99 -0.43 5.04 -5.71
N VAL B 100 -1.34 4.99 -6.68
CA VAL B 100 -1.67 6.16 -7.49
C VAL B 100 -2.61 7.08 -6.72
N GLY B 101 -2.33 8.38 -6.80
CA GLY B 101 -3.15 9.37 -6.11
C GLY B 101 -3.50 10.55 -7.00
N THR B 102 -4.47 11.33 -6.55
CA THR B 102 -4.76 12.64 -7.12
C THR B 102 -4.45 13.70 -6.08
N ALA B 103 -4.87 14.93 -6.33
CA ALA B 103 -4.68 16.01 -5.38
C ALA B 103 -5.34 15.72 -4.02
N GLY B 104 -6.51 15.07 -4.07
CA GLY B 104 -7.28 14.83 -2.85
C GLY B 104 -7.68 13.39 -2.58
N SER B 105 -7.20 12.44 -3.38
CA SER B 105 -7.65 11.04 -3.30
C SER B 105 -6.53 10.00 -3.43
N LEU B 106 -6.77 8.83 -2.84
CA LEU B 106 -5.88 7.68 -2.97
C LEU B 106 -6.62 6.57 -3.71
N LEU B 107 -5.98 6.03 -4.74
CA LEU B 107 -6.67 5.18 -5.69
C LEU B 107 -6.04 3.78 -5.80
N HIS B 108 -5.80 3.30 -7.02
CA HIS B 108 -5.32 1.95 -7.24
C HIS B 108 -3.80 1.83 -7.08
N TYR B 109 -3.29 0.63 -7.28
CA TYR B 109 -1.86 0.33 -7.20
C TYR B 109 -1.30 0.15 -8.62
N ASP B 110 -0.15 0.75 -8.93
CA ASP B 110 0.39 0.63 -10.29
C ASP B 110 1.77 -0.04 -10.42
N HIS B 111 2.46 -0.30 -9.30
CA HIS B 111 3.71 -1.06 -9.35
C HIS B 111 3.97 -1.83 -8.05
N TRP B 112 4.16 -3.14 -8.16
CA TRP B 112 4.49 -3.99 -7.02
C TRP B 112 5.96 -4.41 -7.04
N GLY B 113 6.60 -4.35 -5.89
CA GLY B 113 7.90 -4.98 -5.71
C GLY B 113 7.76 -6.49 -5.81
N LEU B 114 8.89 -7.16 -5.98
CA LEU B 114 8.90 -8.61 -6.14
C LEU B 114 8.50 -9.35 -4.88
N GLY B 115 8.56 -8.65 -3.74
CA GLY B 115 8.16 -9.22 -2.48
C GLY B 115 9.30 -9.93 -1.77
N VAL B 116 9.11 -10.16 -0.48
CA VAL B 116 10.11 -10.79 0.37
C VAL B 116 9.42 -11.87 1.21
N MET B 117 10.04 -13.04 1.33
CA MET B 117 9.46 -14.13 2.11
C MET B 117 9.93 -14.08 3.56
N VAL B 118 8.97 -14.03 4.47
CA VAL B 118 9.25 -14.08 5.89
C VAL B 118 8.71 -15.37 6.48
N THR B 119 9.57 -16.09 7.19
CA THR B 119 9.17 -17.31 7.87
C THR B 119 9.41 -17.18 9.36
N VAL B 120 8.34 -17.28 10.14
CA VAL B 120 8.43 -17.17 11.59
C VAL B 120 8.38 -18.56 12.21
N SER B 121 9.49 -18.98 12.81
CA SER B 121 9.52 -20.22 13.55
C SER B 121 10.73 -20.30 14.48
N SER B 122 10.68 -21.25 15.41
CA SER B 122 11.72 -21.44 16.40
C SER B 122 12.68 -22.56 16.01
N THR B 123 12.53 -23.05 14.78
CA THR B 123 13.28 -24.22 14.34
C THR B 123 14.74 -23.90 14.09
N LYS B 124 15.60 -24.86 14.43
CA LYS B 124 17.03 -24.76 14.20
C LYS B 124 17.38 -25.15 12.76
N THR B 125 18.38 -24.49 12.18
CA THR B 125 18.83 -24.82 10.83
C THR B 125 19.35 -26.26 10.79
N LYS B 126 18.87 -27.02 9.82
CA LYS B 126 19.28 -28.42 9.68
C LYS B 126 19.11 -28.93 8.25
N GLY B 127 20.07 -29.72 7.80
CA GLY B 127 20.05 -30.27 6.46
C GLY B 127 19.20 -31.53 6.40
N PRO B 128 18.75 -31.90 5.19
CA PRO B 128 17.82 -33.02 5.02
C PRO B 128 18.47 -34.40 5.07
N SER B 129 17.69 -35.38 5.50
CA SER B 129 17.99 -36.78 5.24
C SER B 129 17.36 -37.11 3.91
N VAL B 130 18.06 -37.89 3.08
CA VAL B 130 17.56 -38.27 1.77
C VAL B 130 17.39 -39.77 1.70
N PHE B 131 16.17 -40.21 1.39
CA PHE B 131 15.84 -41.63 1.35
C PHE B 131 15.38 -42.02 -0.05
N PRO B 132 15.65 -43.27 -0.45
CA PRO B 132 15.26 -43.67 -1.80
C PRO B 132 13.78 -44.02 -1.92
N LEU B 133 13.19 -43.70 -3.06
CA LEU B 133 11.89 -44.25 -3.45
C LEU B 133 12.17 -45.22 -4.59
N ALA B 134 12.41 -46.48 -4.24
CA ALA B 134 12.96 -47.44 -5.20
C ALA B 134 11.90 -47.97 -6.15
N PRO B 135 12.27 -48.15 -7.43
CA PRO B 135 11.33 -48.68 -8.42
C PRO B 135 11.15 -50.19 -8.30
N SER B 136 9.98 -50.69 -8.66
CA SER B 136 9.72 -52.13 -8.65
C SER B 136 9.26 -52.58 -10.03
N SER B 137 7.96 -52.47 -10.28
CA SER B 137 7.40 -52.87 -11.55
C SER B 137 5.92 -52.49 -11.65
N SER B 141 5.36 -50.82 -14.27
CA SER B 141 3.91 -50.78 -14.37
C SER B 141 3.46 -49.83 -15.47
N GLY B 142 3.23 -50.37 -16.66
CA GLY B 142 2.76 -49.60 -17.80
C GLY B 142 3.87 -49.32 -18.81
N GLY B 143 4.94 -50.10 -18.73
CA GLY B 143 6.09 -49.89 -19.60
C GLY B 143 7.03 -48.85 -19.03
N THR B 144 6.50 -47.97 -18.19
CA THR B 144 7.31 -47.01 -17.47
C THR B 144 7.29 -47.33 -15.99
N ALA B 145 8.46 -47.17 -15.36
CA ALA B 145 8.59 -47.33 -13.93
C ALA B 145 8.74 -45.96 -13.32
N ALA B 146 8.61 -45.87 -12.01
CA ALA B 146 8.80 -44.61 -11.31
C ALA B 146 9.78 -44.81 -10.16
N LEU B 147 10.54 -43.77 -9.88
CA LEU B 147 11.49 -43.80 -8.77
C LEU B 147 11.66 -42.38 -8.28
N GLY B 148 12.34 -42.20 -7.15
CA GLY B 148 12.54 -40.87 -6.64
C GLY B 148 13.32 -40.79 -5.36
N CYS B 149 13.38 -39.58 -4.82
CA CYS B 149 14.07 -39.29 -3.57
C CYS B 149 13.12 -38.60 -2.61
N LEU B 150 13.13 -39.05 -1.36
CA LEU B 150 12.39 -38.40 -0.28
C LEU B 150 13.34 -37.53 0.52
N VAL B 151 13.13 -36.22 0.45
CA VAL B 151 14.00 -35.26 1.11
C VAL B 151 13.31 -34.74 2.36
N LYS B 152 13.79 -35.19 3.52
CA LYS B 152 12.99 -35.10 4.74
C LYS B 152 13.69 -34.39 5.90
N ASP B 153 12.88 -33.65 6.67
CA ASP B 153 13.31 -32.99 7.90
C ASP B 153 14.46 -32.02 7.69
N TYR B 154 14.21 -30.94 6.96
CA TYR B 154 15.19 -29.87 6.81
C TYR B 154 14.57 -28.53 7.17
N PHE B 155 15.42 -27.56 7.49
CA PHE B 155 14.97 -26.21 7.77
C PHE B 155 16.13 -25.23 7.59
N PRO B 156 15.85 -24.04 7.02
CA PRO B 156 14.59 -23.58 6.44
C PRO B 156 14.54 -23.95 4.98
N GLU B 157 13.53 -23.47 4.26
CA GLU B 157 13.52 -23.59 2.81
C GLU B 157 14.59 -22.68 2.22
N PRO B 158 15.03 -22.94 0.98
CA PRO B 158 14.61 -24.04 0.10
C PRO B 158 15.63 -25.16 -0.03
N VAL B 159 15.18 -26.25 -0.67
CA VAL B 159 16.05 -27.29 -1.17
C VAL B 159 15.91 -27.30 -2.70
N THR B 160 16.99 -27.66 -3.40
CA THR B 160 16.93 -27.90 -4.84
C THR B 160 17.31 -29.34 -5.13
N VAL B 161 16.64 -29.93 -6.12
CA VAL B 161 16.89 -31.32 -6.51
C VAL B 161 17.08 -31.40 -8.02
N SER B 162 18.15 -32.10 -8.44
CA SER B 162 18.34 -32.41 -9.85
C SER B 162 18.57 -33.91 -9.97
N TRP B 163 18.47 -34.42 -11.19
CA TRP B 163 18.71 -35.83 -11.45
C TRP B 163 19.85 -36.00 -12.44
N ASN B 164 20.82 -36.82 -12.06
CA ASN B 164 22.01 -37.06 -12.85
C ASN B 164 22.69 -35.75 -13.24
N SER B 165 22.90 -34.90 -12.24
CA SER B 165 23.62 -33.64 -12.40
C SER B 165 23.00 -32.76 -13.48
N GLY B 166 21.67 -32.82 -13.61
CA GLY B 166 20.96 -31.96 -14.54
C GLY B 166 20.84 -32.52 -15.96
N ALA B 167 21.46 -33.66 -16.21
CA ALA B 167 21.37 -34.30 -17.53
C ALA B 167 20.00 -34.95 -17.75
N LEU B 168 19.31 -35.28 -16.65
CA LEU B 168 17.99 -35.91 -16.74
C LEU B 168 16.91 -34.97 -16.22
N THR B 169 16.08 -34.46 -17.13
CA THR B 169 14.98 -33.56 -16.78
C THR B 169 13.64 -34.13 -17.23
N SER B 170 13.66 -34.99 -18.24
CA SER B 170 12.43 -35.63 -18.71
C SER B 170 11.75 -36.45 -17.63
N GLY B 171 10.45 -36.20 -17.43
CA GLY B 171 9.63 -37.01 -16.54
C GLY B 171 9.84 -36.71 -15.08
N VAL B 172 10.61 -35.66 -14.77
CA VAL B 172 10.89 -35.29 -13.38
C VAL B 172 9.78 -34.41 -12.81
N HIS B 173 9.38 -34.73 -11.58
CA HIS B 173 8.43 -33.90 -10.82
C HIS B 173 8.98 -33.69 -9.42
N THR B 174 9.32 -32.44 -9.11
CA THR B 174 9.79 -32.09 -7.77
C THR B 174 8.69 -31.33 -7.07
N PHE B 175 8.16 -31.93 -6.01
CA PHE B 175 6.94 -31.43 -5.38
C PHE B 175 7.25 -30.27 -4.46
N PRO B 176 6.28 -29.35 -4.28
CA PRO B 176 6.45 -28.30 -3.29
C PRO B 176 6.63 -28.87 -1.89
N ALA B 177 7.48 -28.24 -1.09
CA ALA B 177 7.73 -28.70 0.27
C ALA B 177 6.49 -28.55 1.13
N VAL B 178 6.36 -29.43 2.11
CA VAL B 178 5.30 -29.35 3.09
C VAL B 178 5.91 -29.15 4.47
N LEU B 179 5.29 -28.31 5.28
CA LEU B 179 5.71 -28.12 6.66
C LEU B 179 5.10 -29.20 7.53
N GLN B 180 5.95 -29.93 8.26
CA GLN B 180 5.48 -31.01 9.12
C GLN B 180 5.16 -30.48 10.51
N SER B 181 4.45 -31.30 11.28
CA SER B 181 4.09 -30.97 12.66
C SER B 181 5.32 -30.70 13.52
N SER B 182 6.46 -31.20 13.08
CA SER B 182 7.72 -31.04 13.81
C SER B 182 8.34 -29.65 13.61
N GLY B 183 7.88 -28.93 12.59
CA GLY B 183 8.46 -27.64 12.24
C GLY B 183 9.48 -27.75 11.12
N LEU B 184 9.72 -28.98 10.66
CA LEU B 184 10.68 -29.22 9.58
C LEU B 184 9.95 -29.47 8.27
N TYR B 185 10.61 -29.16 7.17
CA TYR B 185 10.04 -29.33 5.84
C TYR B 185 10.35 -30.70 5.26
N SER B 186 9.55 -31.11 4.28
CA SER B 186 9.78 -32.35 3.56
C SER B 186 9.20 -32.25 2.14
N LEU B 187 9.94 -32.77 1.16
CA LEU B 187 9.41 -32.93 -0.20
C LEU B 187 9.92 -34.22 -0.85
N SER B 188 9.29 -34.59 -1.96
CA SER B 188 9.75 -35.69 -2.78
C SER B 188 10.01 -35.23 -4.20
N SER B 189 11.02 -35.81 -4.83
CA SER B 189 11.25 -35.63 -6.25
C SER B 189 11.18 -37.00 -6.90
N VAL B 190 10.37 -37.12 -7.93
CA VAL B 190 10.14 -38.39 -8.61
C VAL B 190 10.45 -38.23 -10.08
N VAL B 191 10.66 -39.37 -10.74
CA VAL B 191 10.90 -39.38 -12.17
C VAL B 191 10.36 -40.66 -12.78
N THR B 192 9.71 -40.55 -13.94
CA THR B 192 9.28 -41.73 -14.69
C THR B 192 10.34 -42.08 -15.71
N VAL B 193 10.64 -43.37 -15.83
CA VAL B 193 11.63 -43.86 -16.78
C VAL B 193 11.12 -45.13 -17.43
N PRO B 194 11.70 -45.51 -18.58
CA PRO B 194 11.32 -46.78 -19.18
C PRO B 194 11.68 -47.95 -18.28
N SER B 195 10.76 -48.89 -18.12
CA SER B 195 11.00 -50.06 -17.28
C SER B 195 12.24 -50.82 -17.73
N SER B 196 12.52 -50.82 -19.03
CA SER B 196 13.69 -51.49 -19.57
C SER B 196 14.99 -50.81 -19.16
N SER B 197 14.91 -49.57 -18.67
CA SER B 197 16.09 -48.79 -18.33
C SER B 197 16.69 -49.13 -16.96
N LEU B 198 15.95 -49.87 -16.15
CA LEU B 198 16.28 -50.02 -14.74
C LEU B 198 17.58 -50.79 -14.51
N GLY B 199 17.99 -51.59 -15.49
CA GLY B 199 19.21 -52.38 -15.38
C GLY B 199 20.41 -51.69 -15.99
N THR B 200 20.18 -50.95 -17.07
CA THR B 200 21.25 -50.34 -17.84
C THR B 200 21.59 -48.92 -17.41
N GLN B 201 20.65 -48.26 -16.74
CA GLN B 201 20.78 -46.84 -16.43
C GLN B 201 20.98 -46.58 -14.94
N THR B 202 21.71 -45.51 -14.65
CA THR B 202 21.99 -45.10 -13.28
C THR B 202 21.22 -43.82 -12.95
N TYR B 203 20.55 -43.80 -11.80
CA TYR B 203 19.76 -42.64 -11.39
C TYR B 203 20.21 -42.09 -10.04
N ILE B 204 20.64 -40.84 -10.07
CA ILE B 204 21.17 -40.15 -8.89
C ILE B 204 20.44 -38.84 -8.69
N CYS B 205 19.90 -38.64 -7.50
CA CYS B 205 19.30 -37.35 -7.19
C CYS B 205 20.33 -36.51 -6.44
N ASN B 206 20.48 -35.27 -6.88
CA ASN B 206 21.43 -34.34 -6.28
C ASN B 206 20.67 -33.30 -5.49
N VAL B 207 20.79 -33.37 -4.17
CA VAL B 207 20.03 -32.51 -3.26
C VAL B 207 20.94 -31.44 -2.70
N ASN B 208 20.49 -30.19 -2.80
CA ASN B 208 21.25 -29.04 -2.34
C ASN B 208 20.47 -28.22 -1.32
N HIS B 209 21.03 -28.08 -0.11
CA HIS B 209 20.43 -27.26 0.94
C HIS B 209 21.43 -26.22 1.42
N LYS B 210 21.44 -25.06 0.76
CA LYS B 210 22.43 -24.01 1.02
C LYS B 210 22.45 -23.49 2.46
N PRO B 211 21.26 -23.26 3.06
CA PRO B 211 21.24 -22.72 4.43
C PRO B 211 22.02 -23.58 5.41
N SER B 212 22.20 -24.86 5.09
CA SER B 212 22.93 -25.79 5.95
C SER B 212 24.30 -26.16 5.37
N ASN B 213 24.58 -25.68 4.16
CA ASN B 213 25.77 -26.10 3.43
C ASN B 213 25.80 -27.63 3.34
N THR B 214 24.65 -28.20 3.01
CA THR B 214 24.51 -29.65 2.86
C THR B 214 24.24 -29.98 1.39
N LYS B 215 25.05 -30.89 0.86
CA LYS B 215 24.88 -31.44 -0.48
C LYS B 215 24.85 -32.96 -0.36
N VAL B 216 23.89 -33.59 -1.01
CA VAL B 216 23.81 -35.06 -1.03
C VAL B 216 23.63 -35.56 -2.44
N ASP B 217 24.40 -36.60 -2.79
CA ASP B 217 24.21 -37.34 -4.03
C ASP B 217 23.76 -38.75 -3.68
N LYS B 218 22.51 -39.05 -4.01
CA LYS B 218 21.91 -40.34 -3.69
C LYS B 218 21.43 -41.06 -4.93
N ARG B 219 21.94 -42.26 -5.17
CA ARG B 219 21.40 -43.07 -6.25
C ARG B 219 20.37 -44.02 -5.70
N VAL B 220 19.32 -44.21 -6.48
CA VAL B 220 18.24 -45.10 -6.11
C VAL B 220 18.27 -46.27 -7.06
N GLU B 221 18.28 -47.46 -6.49
CA GLU B 221 18.33 -48.71 -7.23
C GLU B 221 17.03 -49.45 -7.00
N PRO B 222 16.62 -50.28 -7.96
CA PRO B 222 15.52 -51.19 -7.63
C PRO B 222 15.94 -52.16 -6.55
N LYS B 223 14.96 -52.71 -5.84
CA LYS B 223 15.17 -53.74 -4.81
C LYS B 223 16.45 -54.56 -4.98
N GLU C 1 -13.30 -4.04 5.48
CA GLU C 1 -14.65 -4.58 5.80
C GLU C 1 -15.64 -4.35 4.66
N ILE C 2 -15.11 -4.20 3.46
CA ILE C 2 -15.85 -4.45 2.23
C ILE C 2 -15.28 -5.74 1.67
N VAL C 3 -16.16 -6.70 1.42
CA VAL C 3 -15.75 -8.05 1.03
C VAL C 3 -15.97 -8.27 -0.46
N LEU C 4 -14.92 -8.71 -1.14
CA LEU C 4 -14.99 -9.04 -2.56
C LEU C 4 -15.00 -10.56 -2.75
N THR C 5 -16.00 -11.04 -3.49
CA THR C 5 -16.16 -12.47 -3.73
C THR C 5 -15.88 -12.80 -5.18
N GLN C 6 -14.78 -13.53 -5.41
CA GLN C 6 -14.45 -14.03 -6.74
C GLN C 6 -14.83 -15.51 -6.85
N SER C 7 -15.93 -15.78 -7.55
CA SER C 7 -16.34 -17.16 -7.80
C SER C 7 -16.66 -17.33 -9.28
N PRO C 8 -16.25 -18.46 -9.88
CA PRO C 8 -15.57 -19.60 -9.28
C PRO C 8 -14.10 -19.31 -8.93
N ALA C 9 -13.54 -20.10 -8.02
CA ALA C 9 -12.16 -19.91 -7.60
C ALA C 9 -11.21 -20.45 -8.66
N THR C 10 -11.70 -21.36 -9.48
CA THR C 10 -10.90 -21.93 -10.56
C THR C 10 -11.70 -21.94 -11.85
N LEU C 11 -10.99 -21.65 -12.93
CA LEU C 11 -11.58 -21.62 -14.26
C LEU C 11 -10.69 -22.40 -15.20
N SER C 12 -11.28 -23.31 -15.95
CA SER C 12 -10.54 -24.12 -16.91
C SER C 12 -10.96 -23.71 -18.31
N VAL C 13 -9.98 -23.22 -19.08
CA VAL C 13 -10.25 -22.72 -20.40
C VAL C 13 -9.19 -23.17 -21.39
N SER C 14 -9.66 -23.53 -22.58
CA SER C 14 -8.80 -24.02 -23.66
C SER C 14 -8.04 -22.83 -24.24
N PRO C 15 -6.74 -23.00 -24.60
CA PRO C 15 -6.08 -21.82 -25.16
C PRO C 15 -6.79 -21.25 -26.39
N GLY C 16 -6.73 -19.92 -26.54
CA GLY C 16 -7.34 -19.25 -27.66
C GLY C 16 -8.82 -18.92 -27.44
N GLU C 17 -9.39 -19.41 -26.34
CA GLU C 17 -10.82 -19.23 -26.09
C GLU C 17 -11.09 -18.04 -25.17
N ARG C 18 -12.36 -17.71 -25.02
CA ARG C 18 -12.81 -16.57 -24.22
C ARG C 18 -12.93 -16.95 -22.73
N VAL C 19 -12.65 -16.01 -21.84
CA VAL C 19 -12.92 -16.22 -20.42
C VAL C 19 -13.50 -14.96 -19.80
N THR C 20 -14.45 -15.16 -18.89
CA THR C 20 -14.99 -14.07 -18.09
C THR C 20 -14.89 -14.40 -16.60
N LEU C 21 -14.27 -13.49 -15.86
CA LEU C 21 -14.08 -13.61 -14.42
C LEU C 21 -15.03 -12.67 -13.70
N SER C 22 -15.49 -13.07 -12.52
CA SER C 22 -16.48 -12.30 -11.77
C SER C 22 -15.94 -11.79 -10.45
N CYS C 23 -16.33 -10.56 -10.09
CA CYS C 23 -16.04 -9.99 -8.79
C CYS C 23 -17.30 -9.34 -8.23
N ARG C 24 -17.75 -9.83 -7.09
CA ARG C 24 -18.95 -9.33 -6.43
C ARG C 24 -18.57 -8.66 -5.11
N ALA C 25 -18.98 -7.41 -4.95
CA ALA C 25 -18.70 -6.66 -3.72
C ALA C 25 -19.89 -6.71 -2.77
N SER C 26 -19.60 -6.75 -1.47
CA SER C 26 -20.64 -6.82 -0.46
C SER C 26 -21.40 -5.50 -0.37
N GLN C 27 -20.83 -4.47 -0.99
CA GLN C 27 -21.29 -3.10 -0.85
C GLN C 27 -20.81 -2.32 -2.07
N SER C 28 -21.52 -1.26 -2.44
CA SER C 28 -21.12 -0.46 -3.59
C SER C 28 -19.72 0.11 -3.42
N VAL C 29 -18.96 0.11 -4.52
CA VAL C 29 -17.60 0.65 -4.52
C VAL C 29 -17.43 1.64 -5.68
N ARG C 30 -18.54 2.23 -6.12
CA ARG C 30 -18.56 3.08 -7.30
C ARG C 30 -17.93 2.34 -8.47
N ASN C 31 -16.94 2.95 -9.13
CA ASN C 31 -16.14 2.26 -10.14
C ASN C 31 -14.69 2.14 -9.67
N ASN C 32 -14.49 2.19 -8.36
CA ASN C 32 -13.14 2.10 -7.80
C ASN C 32 -12.73 0.65 -7.62
N LEU C 33 -12.54 -0.01 -8.75
CA LEU C 33 -12.20 -1.43 -8.77
C LEU C 33 -11.07 -1.68 -9.76
N ALA C 34 -10.06 -2.42 -9.34
CA ALA C 34 -8.95 -2.76 -10.21
C ALA C 34 -8.75 -4.26 -10.26
N TRP C 35 -8.08 -4.72 -11.33
CA TRP C 35 -7.74 -6.13 -11.51
C TRP C 35 -6.23 -6.28 -11.62
N TYR C 36 -5.70 -7.30 -10.95
CA TYR C 36 -4.29 -7.64 -11.00
C TYR C 36 -4.08 -9.09 -11.40
N ARG C 37 -2.92 -9.36 -11.99
CA ARG C 37 -2.52 -10.71 -12.35
C ARG C 37 -1.24 -11.08 -11.61
N GLN C 38 -1.13 -12.35 -11.21
CA GLN C 38 0.08 -12.82 -10.56
C GLN C 38 0.49 -14.17 -11.10
N LYS C 39 1.65 -14.18 -11.76
CA LYS C 39 2.26 -15.43 -12.21
C LYS C 39 3.28 -15.91 -11.20
N ARG C 40 3.72 -17.15 -11.39
CA ARG C 40 4.64 -17.79 -10.44
C ARG C 40 6.01 -17.10 -10.50
N GLY C 41 6.52 -16.71 -9.34
CA GLY C 41 7.83 -16.08 -9.27
C GLY C 41 7.84 -14.67 -9.82
N GLN C 42 6.66 -14.05 -9.86
CA GLN C 42 6.54 -12.68 -10.34
C GLN C 42 5.66 -11.86 -9.39
N ALA C 43 5.86 -10.54 -9.43
CA ALA C 43 5.04 -9.63 -8.65
C ALA C 43 3.67 -9.50 -9.30
N PRO C 44 2.64 -9.19 -8.49
CA PRO C 44 1.35 -8.87 -9.11
C PRO C 44 1.49 -7.72 -10.13
N ARG C 45 0.69 -7.75 -11.19
CA ARG C 45 0.75 -6.74 -12.23
C ARG C 45 -0.63 -6.13 -12.46
N LEU C 46 -0.69 -4.80 -12.46
CA LEU C 46 -1.91 -4.07 -12.76
C LEU C 46 -2.39 -4.31 -14.19
N LEU C 47 -3.65 -4.69 -14.33
CA LEU C 47 -4.28 -4.88 -15.65
C LEU C 47 -5.29 -3.77 -15.96
N ILE C 48 -6.17 -3.54 -15.00
CA ILE C 48 -7.32 -2.66 -15.20
C ILE C 48 -7.57 -1.87 -13.92
N TYR C 49 -7.87 -0.58 -14.07
CA TYR C 49 -8.33 0.23 -12.94
C TYR C 49 -9.58 1.00 -13.33
N GLY C 50 -10.23 1.60 -12.34
CA GLY C 50 -11.45 2.35 -12.59
C GLY C 50 -12.48 1.50 -13.31
N ALA C 51 -12.47 0.20 -13.00
CA ALA C 51 -13.42 -0.78 -13.53
C ALA C 51 -13.19 -1.18 -14.99
N SER C 52 -12.82 -0.23 -15.85
CA SER C 52 -12.76 -0.50 -17.30
C SER C 52 -11.56 0.06 -18.06
N THR C 53 -10.66 0.77 -17.36
CA THR C 53 -9.50 1.37 -18.03
C THR C 53 -8.26 0.47 -17.97
N ARG C 54 -7.72 0.14 -19.14
CA ARG C 54 -6.52 -0.67 -19.23
C ARG C 54 -5.29 0.12 -18.81
N ALA C 55 -4.42 -0.50 -18.02
CA ALA C 55 -3.17 0.13 -17.62
C ALA C 55 -2.20 0.12 -18.80
N THR C 56 -1.13 0.88 -18.67
CA THR C 56 -0.14 0.98 -19.75
C THR C 56 0.51 -0.37 -20.03
N GLY C 57 0.61 -0.72 -21.31
CA GLY C 57 1.26 -1.95 -21.72
C GLY C 57 0.34 -3.16 -21.79
N ILE C 58 -0.92 -2.98 -21.43
CA ILE C 58 -1.88 -4.09 -21.39
C ILE C 58 -2.65 -4.23 -22.71
N PRO C 59 -2.55 -5.39 -23.39
CA PRO C 59 -3.18 -5.54 -24.71
C PRO C 59 -4.71 -5.43 -24.70
N ALA C 60 -5.27 -5.25 -25.90
CA ALA C 60 -6.69 -4.96 -26.08
C ALA C 60 -7.60 -6.17 -25.87
N ARG C 61 -7.02 -7.36 -25.74
CA ARG C 61 -7.83 -8.54 -25.45
C ARG C 61 -8.32 -8.54 -24.00
N PHE C 62 -7.73 -7.68 -23.16
CA PHE C 62 -8.18 -7.53 -21.78
C PHE C 62 -9.26 -6.46 -21.68
N SER C 63 -10.36 -6.81 -21.02
CA SER C 63 -11.51 -5.92 -20.91
C SER C 63 -12.14 -5.99 -19.52
N GLY C 64 -12.39 -4.83 -18.94
CA GLY C 64 -13.07 -4.73 -17.66
C GLY C 64 -14.36 -3.97 -17.80
N SER C 65 -15.35 -4.38 -17.02
CA SER C 65 -16.65 -3.75 -17.05
C SER C 65 -17.34 -4.00 -15.71
N GLY C 66 -18.34 -3.19 -15.37
CA GLY C 66 -19.10 -3.43 -14.16
C GLY C 66 -19.75 -2.20 -13.56
N SER C 67 -20.83 -2.42 -12.83
CA SER C 67 -21.55 -1.35 -12.16
C SER C 67 -21.96 -1.75 -10.74
N GLY C 68 -21.76 -0.85 -9.80
CA GLY C 68 -22.26 -1.03 -8.44
C GLY C 68 -21.51 -2.08 -7.65
N THR C 69 -22.04 -3.30 -7.62
CA THR C 69 -21.48 -4.39 -6.84
C THR C 69 -21.10 -5.61 -7.68
N GLU C 70 -21.24 -5.52 -9.00
CA GLU C 70 -20.91 -6.63 -9.88
C GLU C 70 -19.97 -6.19 -11.01
N PHE C 71 -18.79 -6.79 -11.04
CA PHE C 71 -17.74 -6.45 -12.00
C PHE C 71 -17.21 -7.68 -12.70
N THR C 72 -16.75 -7.49 -13.93
CA THR C 72 -16.17 -8.58 -14.70
C THR C 72 -14.84 -8.19 -15.34
N LEU C 73 -14.00 -9.19 -15.54
CA LEU C 73 -12.81 -9.08 -16.34
C LEU C 73 -12.96 -10.14 -17.42
N THR C 74 -12.87 -9.73 -18.68
CA THR C 74 -12.98 -10.72 -19.76
C THR C 74 -11.72 -10.67 -20.62
N ILE C 75 -11.27 -11.86 -21.02
CA ILE C 75 -10.17 -12.00 -21.95
C ILE C 75 -10.75 -12.63 -23.21
N SER C 76 -10.67 -11.88 -24.31
CA SER C 76 -11.35 -12.29 -25.55
C SER C 76 -10.75 -13.58 -26.14
N SER C 77 -9.44 -13.77 -25.99
CA SER C 77 -8.76 -14.92 -26.53
C SER C 77 -7.53 -15.27 -25.68
N MET C 78 -7.60 -16.37 -24.93
CA MET C 78 -6.58 -16.66 -23.93
C MET C 78 -5.22 -16.99 -24.54
N GLN C 79 -4.20 -16.26 -24.10
CA GLN C 79 -2.82 -16.50 -24.51
C GLN C 79 -2.08 -17.36 -23.49
N SER C 80 -0.90 -17.84 -23.87
CA SER C 80 -0.06 -18.67 -23.00
C SER C 80 0.20 -18.00 -21.66
N GLU C 81 0.66 -16.75 -21.71
CA GLU C 81 1.00 -15.98 -20.52
C GLU C 81 -0.23 -15.64 -19.67
N ASP C 82 -1.43 -15.88 -20.20
CA ASP C 82 -2.62 -15.43 -19.51
C ASP C 82 -3.07 -16.40 -18.42
N PHE C 83 -2.58 -17.64 -18.47
CA PHE C 83 -2.93 -18.62 -17.44
C PHE C 83 -2.19 -18.29 -16.16
N ALA C 84 -2.95 -17.87 -15.15
CA ALA C 84 -2.40 -17.30 -13.92
C ALA C 84 -3.50 -17.09 -12.89
N VAL C 85 -3.15 -16.44 -11.78
CA VAL C 85 -4.14 -16.06 -10.77
C VAL C 85 -4.50 -14.59 -10.91
N TYR C 86 -5.80 -14.31 -10.88
CA TYR C 86 -6.32 -12.94 -11.04
C TYR C 86 -7.05 -12.47 -9.78
N TYR C 87 -6.68 -11.29 -9.31
CA TYR C 87 -7.29 -10.67 -8.13
C TYR C 87 -8.04 -9.40 -8.49
N CYS C 88 -9.23 -9.22 -7.92
CA CYS C 88 -9.89 -7.92 -7.96
C CYS C 88 -9.58 -7.20 -6.65
N GLN C 89 -9.66 -5.88 -6.71
CA GLN C 89 -9.36 -5.02 -5.57
C GLN C 89 -10.29 -3.81 -5.63
N GLN C 90 -10.88 -3.44 -4.50
CA GLN C 90 -11.63 -2.20 -4.45
C GLN C 90 -10.84 -1.19 -3.65
N TYR C 91 -10.97 0.07 -4.02
CA TYR C 91 -10.31 1.13 -3.30
C TYR C 91 -11.30 2.26 -3.09
N ASN C 92 -12.57 1.94 -2.96
CA ASN C 92 -13.59 2.85 -2.44
C ASN C 92 -13.52 3.17 -0.94
N ASN C 93 -13.23 2.16 -0.15
CA ASN C 93 -13.15 2.27 1.30
C ASN C 93 -12.03 1.40 1.80
N TRP C 94 -10.91 1.99 2.14
CA TRP C 94 -9.71 1.25 2.44
C TRP C 94 -9.32 0.52 1.18
N TRP C 95 -8.55 -0.54 1.32
CA TRP C 95 -8.24 -1.41 0.21
C TRP C 95 -8.45 -2.84 0.61
N THR C 96 -9.25 -3.58 -0.14
CA THR C 96 -9.45 -5.01 0.10
C THR C 96 -9.43 -5.77 -1.22
N PHE C 97 -9.10 -7.06 -1.13
CA PHE C 97 -8.90 -7.90 -2.29
C PHE C 97 -9.83 -9.10 -2.27
N GLY C 98 -10.29 -9.54 -3.44
CA GLY C 98 -10.91 -10.84 -3.58
C GLY C 98 -9.89 -11.94 -3.32
N GLN C 99 -10.35 -13.18 -3.18
CA GLN C 99 -9.48 -14.30 -2.85
C GLN C 99 -8.75 -14.85 -4.08
N GLY C 100 -9.11 -14.37 -5.26
CA GLY C 100 -8.46 -14.77 -6.49
C GLY C 100 -9.19 -15.86 -7.26
N THR C 101 -9.05 -15.82 -8.58
CA THR C 101 -9.51 -16.89 -9.47
C THR C 101 -8.32 -17.39 -10.28
N LYS C 102 -8.04 -18.68 -10.17
CA LYS C 102 -6.98 -19.27 -10.97
C LYS C 102 -7.56 -19.71 -12.31
N VAL C 103 -6.92 -19.28 -13.39
CA VAL C 103 -7.30 -19.70 -14.72
C VAL C 103 -6.28 -20.73 -15.21
N GLU C 104 -6.73 -21.97 -15.35
CA GLU C 104 -5.87 -23.08 -15.75
C GLU C 104 -6.18 -23.54 -17.16
N ILE C 105 -5.27 -24.32 -17.73
CA ILE C 105 -5.42 -24.82 -19.09
C ILE C 105 -6.37 -26.02 -19.12
N LYS C 106 -7.34 -25.96 -20.02
CA LYS C 106 -8.23 -27.07 -20.26
C LYS C 106 -7.64 -28.00 -21.31
N ARG C 107 -7.57 -29.28 -20.97
CA ARG C 107 -7.12 -30.30 -21.91
C ARG C 107 -7.99 -31.54 -21.77
N THR C 108 -7.69 -32.56 -22.55
CA THR C 108 -8.42 -33.82 -22.48
C THR C 108 -8.14 -34.53 -21.17
N VAL C 109 -9.15 -35.25 -20.69
CA VAL C 109 -9.02 -36.02 -19.46
C VAL C 109 -7.90 -37.05 -19.57
N ALA C 110 -7.08 -37.14 -18.53
CA ALA C 110 -6.02 -38.13 -18.47
C ALA C 110 -5.95 -38.72 -17.07
N ALA C 111 -6.15 -40.02 -16.99
CA ALA C 111 -6.12 -40.73 -15.71
C ALA C 111 -4.70 -40.79 -15.16
N PRO C 112 -4.55 -40.73 -13.83
CA PRO C 112 -3.20 -40.81 -13.27
C PRO C 112 -2.58 -42.18 -13.40
N SER C 113 -1.25 -42.21 -13.54
CA SER C 113 -0.48 -43.41 -13.29
C SER C 113 -0.21 -43.44 -11.79
N VAL C 114 -0.46 -44.56 -11.13
CA VAL C 114 -0.33 -44.63 -9.68
C VAL C 114 0.78 -45.59 -9.26
N PHE C 115 1.61 -45.15 -8.33
CA PHE C 115 2.72 -45.91 -7.80
C PHE C 115 2.74 -45.81 -6.28
N ILE C 116 3.09 -46.89 -5.61
CA ILE C 116 3.25 -46.86 -4.16
C ILE C 116 4.69 -47.24 -3.78
N PHE C 117 5.25 -46.52 -2.81
CA PHE C 117 6.62 -46.74 -2.36
C PHE C 117 6.67 -47.10 -0.88
N PRO C 118 7.08 -48.34 -0.55
CA PRO C 118 7.29 -48.68 0.86
C PRO C 118 8.42 -47.86 1.47
N PRO C 119 8.46 -47.74 2.81
CA PRO C 119 9.59 -47.03 3.42
C PRO C 119 10.91 -47.74 3.17
N SER C 120 12.00 -46.97 3.13
CA SER C 120 13.33 -47.56 2.99
C SER C 120 13.80 -48.16 4.31
N ASP C 121 14.68 -49.15 4.22
CA ASP C 121 15.27 -49.76 5.41
C ASP C 121 16.08 -48.74 6.21
N GLU C 122 16.76 -47.84 5.52
CA GLU C 122 17.59 -46.84 6.21
C GLU C 122 16.72 -45.90 7.02
N GLN C 123 15.56 -45.52 6.50
CA GLN C 123 14.64 -44.69 7.27
C GLN C 123 14.10 -45.48 8.46
N LEU C 124 13.79 -46.75 8.23
CA LEU C 124 13.24 -47.58 9.28
C LEU C 124 14.23 -47.67 10.45
N LYS C 125 15.52 -47.80 10.14
CA LYS C 125 16.55 -47.78 11.17
C LYS C 125 16.49 -46.49 11.98
N SER C 126 16.05 -45.41 11.35
CA SER C 126 15.97 -44.11 12.03
C SER C 126 14.79 -44.05 13.00
N GLY C 127 13.89 -45.02 12.90
CA GLY C 127 12.75 -45.11 13.80
C GLY C 127 11.46 -44.46 13.31
N THR C 128 11.36 -44.24 12.00
CA THR C 128 10.13 -43.70 11.41
C THR C 128 9.89 -44.29 10.03
N ALA C 129 8.63 -44.28 9.59
CA ALA C 129 8.27 -44.86 8.30
C ALA C 129 7.39 -43.90 7.49
N SER C 130 7.86 -43.55 6.30
CA SER C 130 7.06 -42.79 5.34
C SER C 130 6.65 -43.68 4.18
N VAL C 131 5.35 -43.76 3.94
CA VAL C 131 4.82 -44.49 2.78
C VAL C 131 4.35 -43.46 1.77
N VAL C 132 4.87 -43.53 0.55
CA VAL C 132 4.58 -42.52 -0.46
C VAL C 132 3.76 -43.11 -1.60
N CYS C 133 2.70 -42.39 -1.96
CA CYS C 133 1.86 -42.73 -3.10
C CYS C 133 1.97 -41.61 -4.11
N LEU C 134 2.18 -41.97 -5.37
CA LEU C 134 2.37 -40.99 -6.44
C LEU C 134 1.26 -41.13 -7.47
N LEU C 135 0.64 -40.01 -7.81
CA LEU C 135 -0.32 -39.94 -8.91
C LEU C 135 0.32 -39.06 -9.99
N ASN C 136 0.63 -39.65 -11.13
CA ASN C 136 1.45 -39.00 -12.13
C ASN C 136 0.65 -38.53 -13.35
N ASN C 137 0.87 -37.27 -13.72
CA ASN C 137 0.38 -36.71 -14.98
C ASN C 137 -1.10 -36.93 -15.28
N PHE C 138 -1.96 -36.32 -14.47
CA PHE C 138 -3.39 -36.47 -14.66
C PHE C 138 -4.07 -35.13 -14.91
N TYR C 139 -5.25 -35.21 -15.50
CA TYR C 139 -6.11 -34.05 -15.69
C TYR C 139 -7.57 -34.51 -15.69
N PRO C 140 -8.46 -33.77 -15.00
CA PRO C 140 -8.30 -32.53 -14.24
C PRO C 140 -7.62 -32.71 -12.88
N ARG C 141 -7.44 -31.61 -12.16
CA ARG C 141 -6.71 -31.61 -10.90
C ARG C 141 -7.39 -32.42 -9.81
N GLU C 142 -8.72 -32.48 -9.85
CA GLU C 142 -9.49 -33.11 -8.77
C GLU C 142 -9.21 -34.60 -8.68
N ALA C 143 -8.67 -35.01 -7.54
CA ALA C 143 -8.35 -36.40 -7.30
C ALA C 143 -8.43 -36.68 -5.81
N LYS C 144 -8.85 -37.90 -5.46
CA LYS C 144 -8.94 -38.30 -4.07
C LYS C 144 -8.04 -39.49 -3.80
N VAL C 145 -7.21 -39.35 -2.77
CA VAL C 145 -6.30 -40.40 -2.34
C VAL C 145 -6.69 -40.85 -0.93
N GLN C 146 -7.02 -42.13 -0.79
CA GLN C 146 -7.32 -42.71 0.50
C GLN C 146 -6.31 -43.77 0.89
N TRP C 147 -5.71 -43.61 2.07
CA TRP C 147 -4.83 -44.62 2.62
C TRP C 147 -5.64 -45.66 3.40
N LYS C 148 -5.34 -46.93 3.17
CA LYS C 148 -5.94 -48.02 3.93
C LYS C 148 -4.83 -48.93 4.44
N VAL C 149 -4.81 -49.17 5.75
CA VAL C 149 -3.85 -50.07 6.35
C VAL C 149 -4.59 -51.24 6.99
N ASP C 150 -4.39 -52.43 6.44
CA ASP C 150 -5.18 -53.60 6.80
C ASP C 150 -6.66 -53.23 6.71
N ASN C 151 -7.03 -52.61 5.59
CA ASN C 151 -8.41 -52.21 5.30
C ASN C 151 -8.98 -51.13 6.21
N ALA C 152 -8.17 -50.62 7.13
CA ALA C 152 -8.61 -49.52 7.99
C ALA C 152 -8.26 -48.18 7.35
N LEU C 153 -9.26 -47.32 7.19
CA LEU C 153 -9.05 -46.02 6.58
C LEU C 153 -8.16 -45.14 7.48
N GLN C 154 -7.13 -44.56 6.88
CA GLN C 154 -6.20 -43.69 7.59
C GLN C 154 -6.50 -42.23 7.30
N SER C 155 -6.49 -41.41 8.34
CA SER C 155 -6.83 -40.00 8.17
C SER C 155 -6.11 -39.12 9.20
N GLY C 156 -5.69 -37.95 8.75
CA GLY C 156 -4.99 -37.01 9.61
C GLY C 156 -3.51 -37.34 9.76
N ASN C 157 -3.09 -38.45 9.18
CA ASN C 157 -1.71 -38.92 9.31
C ASN C 157 -0.95 -38.91 7.98
N SER C 158 -1.48 -38.16 7.02
CA SER C 158 -0.86 -38.03 5.71
C SER C 158 -0.85 -36.58 5.26
N GLN C 159 0.09 -36.24 4.39
CA GLN C 159 0.15 -34.91 3.80
C GLN C 159 0.25 -35.03 2.29
N GLU C 160 -0.46 -34.15 1.60
CA GLU C 160 -0.49 -34.12 0.15
C GLU C 160 0.27 -32.92 -0.40
N SER C 161 0.87 -33.11 -1.57
CA SER C 161 1.53 -32.03 -2.29
C SER C 161 1.25 -32.19 -3.78
N VAL C 162 0.97 -31.08 -4.46
CA VAL C 162 0.60 -31.10 -5.87
C VAL C 162 1.48 -30.14 -6.66
N THR C 163 1.92 -30.57 -7.84
CA THR C 163 2.73 -29.70 -8.69
C THR C 163 1.83 -28.66 -9.35
N GLU C 164 2.41 -27.56 -9.81
CA GLU C 164 1.63 -26.63 -10.61
C GLU C 164 1.42 -27.29 -11.97
N GLN C 165 0.44 -26.78 -12.72
CA GLN C 165 0.11 -27.35 -14.01
C GLN C 165 1.34 -27.34 -14.91
N ASP C 166 1.67 -28.49 -15.45
CA ASP C 166 2.87 -28.66 -16.27
C ASP C 166 2.79 -27.76 -17.51
N SER C 167 3.85 -26.99 -17.74
CA SER C 167 3.87 -26.03 -18.84
C SER C 167 3.91 -26.72 -20.21
N LYS C 168 4.20 -28.02 -20.23
CA LYS C 168 4.38 -28.73 -21.49
C LYS C 168 3.20 -29.65 -21.88
N ASP C 169 2.56 -30.32 -20.90
CA ASP C 169 1.43 -31.19 -21.24
C ASP C 169 0.16 -30.88 -20.46
N SER C 170 0.20 -29.83 -19.65
CA SER C 170 -0.98 -29.31 -18.95
C SER C 170 -1.57 -30.29 -17.95
N THR C 171 -0.76 -31.23 -17.45
CA THR C 171 -1.20 -32.16 -16.41
C THR C 171 -0.70 -31.77 -15.03
N TYR C 172 -1.23 -32.46 -14.04
CA TYR C 172 -0.80 -32.32 -12.65
C TYR C 172 -0.21 -33.64 -12.18
N SER C 173 0.62 -33.57 -11.15
CA SER C 173 1.03 -34.77 -10.43
C SER C 173 0.90 -34.48 -8.94
N LEU C 174 0.71 -35.55 -8.16
CA LEU C 174 0.41 -35.40 -6.75
C LEU C 174 1.12 -36.49 -5.95
N SER C 175 1.65 -36.12 -4.79
CA SER C 175 2.20 -37.08 -3.85
C SER C 175 1.41 -37.04 -2.56
N SER C 176 1.13 -38.23 -2.01
CA SER C 176 0.61 -38.36 -0.66
C SER C 176 1.59 -39.18 0.15
N THR C 177 1.97 -38.64 1.30
CA THR C 177 2.93 -39.28 2.18
C THR C 177 2.28 -39.62 3.51
N LEU C 178 2.23 -40.92 3.81
CA LEU C 178 1.75 -41.42 5.09
C LEU C 178 2.94 -41.60 6.02
N THR C 179 2.90 -40.98 7.19
CA THR C 179 4.02 -41.04 8.13
C THR C 179 3.63 -41.72 9.45
N LEU C 180 4.38 -42.76 9.80
CA LEU C 180 4.15 -43.54 11.01
C LEU C 180 5.47 -43.77 11.74
N SER C 181 5.40 -44.14 13.02
CA SER C 181 6.57 -44.64 13.72
C SER C 181 6.84 -46.06 13.22
N LYS C 182 8.10 -46.48 13.29
CA LYS C 182 8.46 -47.84 12.91
C LYS C 182 7.65 -48.86 13.71
N ALA C 183 7.28 -48.50 14.93
CA ALA C 183 6.50 -49.37 15.80
C ALA C 183 5.11 -49.67 15.20
N ASP C 184 4.37 -48.62 14.88
CA ASP C 184 3.03 -48.79 14.32
C ASP C 184 3.10 -49.42 12.94
N TYR C 185 4.09 -49.01 12.16
CA TYR C 185 4.30 -49.56 10.83
C TYR C 185 4.42 -51.07 10.87
N GLU C 186 5.24 -51.58 11.78
CA GLU C 186 5.51 -53.01 11.85
C GLU C 186 4.36 -53.81 12.47
N LYS C 187 3.31 -53.11 12.90
CA LYS C 187 2.16 -53.77 13.48
C LYS C 187 1.09 -54.14 12.45
N HIS C 188 1.32 -53.75 11.20
CA HIS C 188 0.38 -54.03 10.12
C HIS C 188 1.07 -54.68 8.91
N LYS C 189 0.29 -55.32 8.05
CA LYS C 189 0.84 -56.02 6.89
C LYS C 189 0.54 -55.33 5.57
N VAL C 190 -0.74 -55.02 5.31
CA VAL C 190 -1.15 -54.49 4.02
C VAL C 190 -1.26 -52.98 4.01
N TYR C 191 -0.44 -52.34 3.18
CA TYR C 191 -0.51 -50.88 3.00
C TYR C 191 -0.96 -50.57 1.59
N ALA C 192 -2.06 -49.82 1.48
CA ALA C 192 -2.70 -49.55 0.20
C ALA C 192 -3.05 -48.09 -0.02
N CYS C 193 -2.90 -47.65 -1.26
CA CYS C 193 -3.26 -46.31 -1.70
C CYS C 193 -4.41 -46.44 -2.69
N GLU C 194 -5.55 -45.83 -2.38
CA GLU C 194 -6.75 -45.94 -3.20
C GLU C 194 -7.06 -44.60 -3.87
N VAL C 195 -7.20 -44.62 -5.19
CA VAL C 195 -7.26 -43.39 -5.98
C VAL C 195 -8.54 -43.27 -6.82
N THR C 196 -9.25 -42.17 -6.61
CA THR C 196 -10.45 -41.84 -7.38
C THR C 196 -10.19 -40.65 -8.30
N HIS C 197 -10.63 -40.74 -9.56
CA HIS C 197 -10.41 -39.68 -10.53
C HIS C 197 -11.30 -39.90 -11.77
N GLN C 198 -11.66 -38.81 -12.45
CA GLN C 198 -12.56 -38.86 -13.60
C GLN C 198 -12.12 -39.85 -14.68
N GLY C 199 -10.83 -39.89 -14.96
CA GLY C 199 -10.30 -40.75 -16.01
C GLY C 199 -10.37 -42.23 -15.67
N LEU C 200 -10.77 -42.54 -14.44
CA LEU C 200 -10.89 -43.92 -13.97
C LEU C 200 -12.36 -44.32 -13.82
N SER C 201 -12.76 -45.39 -14.49
CA SER C 201 -14.10 -45.93 -14.31
C SER C 201 -14.27 -46.45 -12.89
N SER C 202 -13.33 -47.30 -12.47
CA SER C 202 -13.30 -47.81 -11.11
C SER C 202 -12.08 -47.24 -10.38
N PRO C 203 -12.21 -46.96 -9.08
CA PRO C 203 -11.04 -46.48 -8.34
C PRO C 203 -9.89 -47.48 -8.39
N VAL C 204 -8.66 -46.98 -8.40
CA VAL C 204 -7.47 -47.82 -8.54
C VAL C 204 -6.78 -47.96 -7.20
N THR C 205 -6.31 -49.17 -6.91
CA THR C 205 -5.59 -49.43 -5.67
C THR C 205 -4.21 -50.03 -5.94
N LYS C 206 -3.20 -49.37 -5.41
CA LYS C 206 -1.84 -49.90 -5.38
C LYS C 206 -1.50 -50.25 -3.94
N SER C 207 -1.01 -51.46 -3.71
CA SER C 207 -0.73 -51.92 -2.36
C SER C 207 0.54 -52.77 -2.26
N PHE C 208 0.99 -52.97 -1.03
CA PHE C 208 2.11 -53.86 -0.78
C PHE C 208 2.01 -54.49 0.61
N ASN C 209 2.64 -55.65 0.76
CA ASN C 209 2.69 -56.36 2.04
C ASN C 209 4.02 -56.09 2.76
N ARG C 210 3.93 -55.64 4.01
CA ARG C 210 5.12 -55.32 4.80
C ARG C 210 6.10 -56.49 4.84
#